data_2BWR
#
_entry.id   2BWR
#
_cell.length_a   51.828
_cell.length_b   142.219
_cell.length_c   52.161
_cell.angle_alpha   90.00
_cell.angle_beta   92.10
_cell.angle_gamma   90.00
#
_symmetry.space_group_name_H-M   'P 1 21 1'
#
loop_
_entity.id
_entity.type
_entity.pdbx_description
1 polymer 'PSATHYRELLA VELUTINA LECTIN'
2 non-polymer 'CALCIUM ION'
3 non-polymer '2-(N-MORPHOLINO)-ETHANESULFONIC ACID'
4 non-polymer 'CHLORIDE ION'
5 non-polymer 'SULFATE ION'
6 water water
#
_entity_poly.entity_id   1
_entity_poly.type   'polypeptide(L)'
_entity_poly.pdbx_seq_one_letter_code
;SVVVISQALPVPTRIPGVADLVGFGNGGVYIIRNSLLIQVVKVINNFGYDAGGWRVEKHVRLLADTTGDNQSDVVGFGEN
GVWISTNNGNNTFVDPPKMVLANFAYAAGGWRVEKHIRFMADLRKTGRADIVGFGDGGIYISRNNGGGQFAPAQLALNNF
GYAQGWRLDRHLRFLADVTGDGLLDVVGFGENQVYIARNSGNGTFQPAQAVVNNFCIGAGGWTISAHPRVVADLTGDRKA
DILGFGVAGVYTSLNNGNGTFGAVNLVLKDFGVNSGWRVEKHVRCVSSLTNKKVGDIIGFGDAGVYVALNNGNGTFGPVK
RVIDNFGYNQGWRVDKHPRFVVDLTGDGCADIVGFGENSVWACMNKGDGTFGPIMKLIDDMTVSKGWTLQKTVRYAANLY
L
;
_entity_poly.pdbx_strand_id   A,B
#
# COMPACT_ATOMS: atom_id res chain seq x y z
N SER A 1 8.10 8.60 12.05
CA SER A 1 9.56 8.64 12.25
C SER A 1 10.31 7.41 11.67
N VAL A 2 11.20 6.82 12.45
CA VAL A 2 12.36 6.07 11.93
C VAL A 2 12.38 4.64 12.50
N VAL A 3 13.12 3.71 11.86
CA VAL A 3 13.06 2.26 12.24
C VAL A 3 13.78 1.98 13.56
N VAL A 4 13.02 1.59 14.57
CA VAL A 4 13.56 1.09 15.82
C VAL A 4 12.97 -0.27 16.08
N ILE A 5 13.82 -1.21 16.50
CA ILE A 5 13.41 -2.53 16.91
C ILE A 5 13.65 -2.71 18.37
N SER A 6 12.61 -3.06 19.14
CA SER A 6 12.73 -3.22 20.56
C SER A 6 12.16 -4.58 20.97
N GLN A 7 12.46 -4.97 22.20
CA GLN A 7 11.96 -6.26 22.69
C GLN A 7 10.44 -6.24 22.76
N ALA A 8 9.88 -5.10 23.16
CA ALA A 8 8.39 -4.91 23.27
C ALA A 8 7.73 -4.85 21.91
N LEU A 9 8.41 -4.29 20.93
CA LEU A 9 7.87 -4.05 19.61
C LEU A 9 8.94 -4.46 18.62
N PRO A 10 9.09 -5.81 18.44
CA PRO A 10 10.11 -6.26 17.48
C PRO A 10 9.73 -6.16 15.99
N VAL A 11 8.48 -5.81 15.66
CA VAL A 11 8.04 -5.61 14.28
C VAL A 11 7.71 -4.12 14.08
N PRO A 12 8.65 -3.38 13.53
CA PRO A 12 8.41 -1.98 13.30
C PRO A 12 7.33 -1.75 12.28
N THR A 13 6.65 -0.61 12.41
CA THR A 13 5.64 -0.22 11.46
C THR A 13 6.06 1.14 10.89
N ARG A 14 5.59 1.39 9.69
CA ARG A 14 6.00 2.54 8.94
C ARG A 14 5.15 3.77 9.25
N ILE A 15 5.79 4.93 9.11
CA ILE A 15 5.15 6.22 9.27
C ILE A 15 5.64 7.07 8.11
N PRO A 16 4.75 7.42 7.19
CA PRO A 16 3.35 7.09 7.07
C PRO A 16 3.11 5.67 6.67
N GLY A 17 1.89 5.19 6.90
CA GLY A 17 1.54 3.84 6.48
C GLY A 17 0.11 3.49 6.79
N VAL A 18 -0.31 2.35 6.21
CA VAL A 18 -1.62 1.74 6.44
C VAL A 18 -1.38 0.33 6.95
N ALA A 19 -1.12 0.21 8.26
CA ALA A 19 -0.70 -1.07 8.76
C ALA A 19 -1.83 -2.07 8.78
N ASP A 20 -1.46 -3.32 8.52
CA ASP A 20 -2.33 -4.47 8.61
C ASP A 20 -2.27 -5.04 10.03
N LEU A 21 -3.22 -5.94 10.30
CA LEU A 21 -3.18 -6.66 11.56
C LEU A 21 -2.89 -8.13 11.27
N VAL A 22 -1.97 -8.72 12.04
CA VAL A 22 -1.58 -10.12 11.88
C VAL A 22 -1.74 -10.84 13.18
N GLY A 23 -2.34 -12.04 13.14
CA GLY A 23 -2.55 -12.84 14.31
C GLY A 23 -2.01 -14.24 14.14
N PHE A 24 -1.16 -14.66 15.06
CA PHE A 24 -0.75 -16.02 15.16
C PHE A 24 -1.64 -16.71 16.16
N GLY A 25 -2.69 -17.33 15.64
CA GLY A 25 -3.70 -17.90 16.48
C GLY A 25 -3.54 -19.38 16.71
N ASN A 26 -4.56 -19.98 17.29
CA ASN A 26 -4.52 -21.42 17.52
C ASN A 26 -4.31 -22.23 16.25
N GLY A 27 -5.02 -21.83 15.20
CA GLY A 27 -5.10 -22.57 13.97
C GLY A 27 -4.13 -22.17 12.89
N GLY A 28 -3.29 -21.17 13.18
CA GLY A 28 -2.34 -20.73 12.22
C GLY A 28 -2.30 -19.22 12.10
N VAL A 29 -1.96 -18.71 10.95
CA VAL A 29 -1.72 -17.27 10.76
C VAL A 29 -2.91 -16.68 10.01
N TYR A 30 -3.40 -15.56 10.53
CA TYR A 30 -4.57 -14.87 10.02
C TYR A 30 -4.16 -13.42 9.81
N ILE A 31 -4.68 -12.81 8.75
CA ILE A 31 -4.44 -11.39 8.54
C ILE A 31 -5.76 -10.61 8.37
N ILE A 32 -5.69 -9.35 8.78
CA ILE A 32 -6.71 -8.31 8.47
C ILE A 32 -5.96 -7.28 7.67
N ARG A 33 -6.19 -7.33 6.37
CA ARG A 33 -5.61 -6.37 5.46
C ARG A 33 -6.28 -5.02 5.65
N ASN A 34 -5.48 -3.97 5.69
CA ASN A 34 -5.96 -2.64 5.89
C ASN A 34 -6.52 -2.15 4.55
N SER A 35 -7.85 -2.12 4.45
CA SER A 35 -8.50 -1.87 3.17
C SER A 35 -9.97 -1.55 3.42
N LEU A 36 -10.69 -1.21 2.36
CA LEU A 36 -12.14 -1.00 2.41
C LEU A 36 -12.93 -2.23 2.85
N LEU A 37 -12.40 -3.43 2.68
CA LEU A 37 -13.02 -4.67 3.16
C LEU A 37 -12.29 -5.13 4.41
N ILE A 38 -12.95 -5.12 5.54
CA ILE A 38 -12.37 -5.55 6.79
C ILE A 38 -12.86 -6.96 7.05
N GLN A 39 -11.93 -7.92 7.06
CA GLN A 39 -12.26 -9.32 7.22
C GLN A 39 -11.00 -10.06 7.67
N VAL A 40 -11.19 -11.25 8.25
CA VAL A 40 -10.05 -12.09 8.62
C VAL A 40 -9.83 -13.11 7.53
N VAL A 41 -8.57 -13.25 7.11
CA VAL A 41 -8.18 -14.26 6.10
C VAL A 41 -7.11 -15.16 6.72
N LYS A 42 -7.36 -16.47 6.71
CA LYS A 42 -6.40 -17.45 7.13
C LYS A 42 -5.45 -17.63 5.98
N VAL A 43 -4.16 -17.44 6.26
CA VAL A 43 -3.14 -17.52 5.22
C VAL A 43 -2.14 -18.65 5.35
N ILE A 44 -1.87 -19.13 6.56
CA ILE A 44 -0.91 -20.24 6.75
C ILE A 44 -1.41 -21.19 7.82
N ASN A 45 -1.42 -22.51 7.52
CA ASN A 45 -1.78 -23.50 8.48
C ASN A 45 -0.57 -23.97 9.26
N ASN A 46 0.10 -23.00 9.89
CA ASN A 46 1.33 -23.24 10.64
C ASN A 46 1.58 -21.98 11.45
N PHE A 47 2.63 -21.99 12.25
CA PHE A 47 2.93 -20.86 13.14
C PHE A 47 1.87 -20.62 14.21
N GLY A 48 1.06 -21.64 14.49
CA GLY A 48 -0.03 -21.55 15.46
C GLY A 48 0.20 -22.47 16.62
N TYR A 49 -0.60 -22.25 17.66
CA TYR A 49 -0.47 -23.01 18.88
C TYR A 49 -0.76 -24.50 18.63
N ASP A 50 -1.90 -24.78 18.05
CA ASP A 50 -2.22 -26.17 17.68
C ASP A 50 -1.67 -26.48 16.28
N ALA A 51 -1.79 -25.52 15.35
CA ALA A 51 -1.31 -25.71 13.98
C ALA A 51 0.17 -25.43 13.93
N GLY A 52 0.95 -26.41 14.40
CA GLY A 52 2.40 -26.34 14.36
C GLY A 52 3.09 -26.46 15.68
N GLY A 53 2.36 -26.27 16.78
CA GLY A 53 3.00 -26.50 18.11
C GLY A 53 3.83 -25.30 18.59
N TRP A 54 3.45 -24.12 18.11
CA TRP A 54 4.21 -22.92 18.44
C TRP A 54 3.84 -22.41 19.84
N ARG A 55 4.86 -21.97 20.58
CA ARG A 55 4.74 -21.59 21.98
C ARG A 55 5.49 -20.31 22.22
N VAL A 56 4.86 -19.36 22.88
CA VAL A 56 5.49 -18.10 23.26
C VAL A 56 6.76 -18.31 24.05
N GLU A 57 6.80 -19.35 24.88
CA GLU A 57 7.93 -19.53 25.76
C GLU A 57 9.06 -20.31 25.15
N LYS A 58 8.88 -20.81 23.92
CA LYS A 58 9.94 -21.54 23.21
C LYS A 58 10.35 -20.96 21.87
N HIS A 59 9.46 -20.19 21.22
CA HIS A 59 9.59 -19.84 19.83
C HIS A 59 9.34 -18.34 19.66
N VAL A 60 9.82 -17.78 18.56
CA VAL A 60 9.62 -16.38 18.22
C VAL A 60 8.99 -16.30 16.82
N ARG A 61 7.94 -15.46 16.65
CA ARG A 61 7.23 -15.28 15.42
C ARG A 61 7.19 -13.78 15.08
N LEU A 62 7.66 -13.46 13.89
CA LEU A 62 7.82 -12.08 13.46
C LEU A 62 7.36 -11.97 11.99
N LEU A 63 7.22 -10.72 11.54
CA LEU A 63 7.07 -10.35 10.14
C LEU A 63 8.28 -9.52 9.72
N ALA A 64 8.82 -9.79 8.55
CA ALA A 64 9.97 -9.03 8.02
C ALA A 64 10.06 -9.26 6.51
N ASP A 65 10.59 -8.28 5.78
CA ASP A 65 10.78 -8.45 4.34
C ASP A 65 12.10 -9.15 4.15
N THR A 66 12.03 -10.44 3.82
CA THR A 66 13.26 -11.23 3.65
C THR A 66 13.75 -11.31 2.20
N THR A 67 13.05 -10.65 1.27
CA THR A 67 13.42 -10.75 -0.14
C THR A 67 13.79 -9.45 -0.80
N GLY A 68 13.36 -8.33 -0.26
CA GLY A 68 13.69 -7.03 -0.85
C GLY A 68 12.58 -6.41 -1.69
N ASP A 69 11.47 -7.10 -1.86
CA ASP A 69 10.34 -6.54 -2.61
C ASP A 69 9.34 -5.68 -1.80
N ASN A 70 9.69 -5.29 -0.57
CA ASN A 70 8.86 -4.47 0.30
C ASN A 70 7.52 -5.10 0.71
N GLN A 71 7.50 -6.43 0.69
CA GLN A 71 6.37 -7.22 1.17
C GLN A 71 6.89 -7.96 2.39
N SER A 72 6.09 -8.02 3.44
CA SER A 72 6.59 -8.70 4.62
C SER A 72 6.26 -10.18 4.53
N ASP A 73 7.20 -11.01 4.98
CA ASP A 73 7.11 -12.44 5.11
C ASP A 73 6.92 -12.82 6.56
N VAL A 74 6.43 -14.04 6.80
CA VAL A 74 6.29 -14.57 8.13
C VAL A 74 7.56 -15.38 8.45
N VAL A 75 8.19 -15.07 9.57
CA VAL A 75 9.44 -15.70 10.00
C VAL A 75 9.21 -16.24 11.37
N GLY A 76 9.49 -17.53 11.54
CA GLY A 76 9.40 -18.12 12.86
C GLY A 76 10.67 -18.87 13.26
N PHE A 77 11.10 -18.62 14.49
CA PHE A 77 12.22 -19.28 15.11
C PHE A 77 11.58 -20.45 15.90
N GLY A 78 11.58 -21.62 15.24
CA GLY A 78 10.83 -22.75 15.69
C GLY A 78 11.65 -23.72 16.51
N GLU A 79 11.25 -24.99 16.46
CA GLU A 79 11.82 -25.96 17.40
C GLU A 79 13.21 -26.31 16.99
N ASN A 80 13.42 -26.52 15.69
CA ASN A 80 14.67 -27.04 15.18
C ASN A 80 15.33 -26.15 14.13
N GLY A 81 14.75 -24.99 13.83
CA GLY A 81 15.40 -24.04 12.95
C GLY A 81 14.48 -22.87 12.64
N VAL A 82 14.87 -22.06 11.67
CA VAL A 82 14.15 -20.87 11.28
C VAL A 82 13.33 -21.21 10.06
N TRP A 83 12.02 -20.88 10.12
CA TRP A 83 11.10 -21.22 9.07
C TRP A 83 10.49 -19.93 8.48
N ILE A 84 10.38 -19.84 7.15
CA ILE A 84 9.85 -18.65 6.49
C ILE A 84 8.75 -18.99 5.51
N SER A 85 7.62 -18.29 5.63
CA SER A 85 6.58 -18.28 4.61
C SER A 85 6.61 -16.95 3.88
N THR A 86 7.02 -16.94 2.61
CA THR A 86 7.07 -15.69 1.85
C THR A 86 5.69 -15.25 1.35
N ASN A 87 5.59 -13.93 1.26
CA ASN A 87 4.42 -13.25 0.81
C ASN A 87 4.31 -13.41 -0.69
N ASN A 88 3.18 -13.94 -1.15
CA ASN A 88 2.92 -14.13 -2.59
C ASN A 88 2.42 -12.86 -3.31
N GLY A 89 2.11 -11.78 -2.57
CA GLY A 89 1.74 -10.47 -3.14
C GLY A 89 0.27 -10.19 -3.21
N ASN A 90 -0.54 -11.21 -2.91
CA ASN A 90 -1.98 -11.20 -3.15
C ASN A 90 -2.78 -11.66 -1.91
N ASN A 91 -2.31 -11.30 -0.70
CA ASN A 91 -2.94 -11.74 0.54
C ASN A 91 -2.89 -13.27 0.72
N THR A 92 -1.89 -13.87 0.12
CA THR A 92 -1.57 -15.30 0.38
C THR A 92 -0.09 -15.40 0.65
N PHE A 93 0.27 -16.51 1.31
CA PHE A 93 1.63 -16.80 1.68
C PHE A 93 1.95 -18.26 1.36
N VAL A 94 3.23 -18.52 1.20
CA VAL A 94 3.66 -19.90 0.92
C VAL A 94 3.34 -20.78 2.14
N ASP A 95 2.87 -22.01 1.91
CA ASP A 95 2.50 -22.91 2.98
C ASP A 95 2.64 -24.31 2.41
N PRO A 96 3.46 -25.17 3.03
CA PRO A 96 4.24 -24.96 4.25
C PRO A 96 5.41 -23.97 4.11
N PRO A 97 5.83 -23.39 5.25
CA PRO A 97 7.07 -22.61 5.27
C PRO A 97 8.29 -23.48 4.92
N LYS A 98 9.39 -22.82 4.61
CA LYS A 98 10.68 -23.43 4.30
C LYS A 98 11.62 -23.23 5.46
N MET A 99 12.40 -24.26 5.79
CA MET A 99 13.37 -24.18 6.86
C MET A 99 14.67 -23.64 6.26
N VAL A 100 15.04 -22.40 6.60
CA VAL A 100 16.11 -21.72 5.89
C VAL A 100 17.43 -21.82 6.65
N LEU A 101 17.37 -22.15 7.94
CA LEU A 101 18.59 -22.22 8.74
C LEU A 101 18.35 -23.00 10.03
N ALA A 102 19.14 -24.06 10.25
CA ALA A 102 19.09 -24.85 11.47
C ALA A 102 19.99 -24.23 12.54
N ASN A 103 19.55 -23.07 13.01
CA ASN A 103 20.17 -22.32 14.09
C ASN A 103 19.12 -21.38 14.69
N PHE A 104 19.49 -20.60 15.71
CA PHE A 104 18.63 -19.64 16.37
C PHE A 104 17.34 -20.29 16.90
N ALA A 105 17.41 -21.54 17.31
CA ALA A 105 16.20 -22.28 17.67
C ALA A 105 16.39 -23.04 18.97
N TYR A 106 15.26 -23.45 19.53
CA TYR A 106 15.24 -24.12 20.81
C TYR A 106 16.14 -25.35 20.78
N ALA A 107 16.07 -26.15 19.73
CA ALA A 107 16.95 -27.35 19.59
C ALA A 107 17.97 -27.24 18.47
N ALA A 108 18.39 -26.03 18.16
CA ALA A 108 19.47 -25.81 17.23
C ALA A 108 20.17 -24.55 17.70
N GLY A 109 21.18 -24.76 18.55
CA GLY A 109 21.92 -23.68 19.17
C GLY A 109 21.49 -23.32 20.57
N GLY A 110 20.51 -24.04 21.11
CA GLY A 110 20.08 -23.87 22.48
C GLY A 110 19.49 -22.52 22.82
N TRP A 111 18.72 -21.94 21.87
CA TRP A 111 18.22 -20.58 22.08
C TRP A 111 17.00 -20.68 23.00
N ARG A 112 16.88 -19.69 23.89
CA ARG A 112 15.90 -19.67 24.97
C ARG A 112 15.26 -18.29 25.05
N VAL A 113 13.93 -18.27 25.03
CA VAL A 113 13.21 -17.02 25.10
C VAL A 113 13.53 -16.25 26.37
N GLU A 114 13.84 -16.95 27.47
CA GLU A 114 14.07 -16.28 28.74
C GLU A 114 15.49 -15.77 28.90
N LYS A 115 16.39 -16.12 27.97
CA LYS A 115 17.81 -15.72 28.02
C LYS A 115 18.29 -14.88 26.82
N HIS A 116 17.61 -15.00 25.69
CA HIS A 116 18.11 -14.54 24.41
C HIS A 116 17.04 -13.73 23.71
N ILE A 117 17.47 -12.92 22.76
CA ILE A 117 16.58 -12.09 21.93
C ILE A 117 16.85 -12.38 20.45
N ARG A 118 15.79 -12.56 19.68
CA ARG A 118 15.86 -12.81 18.26
C ARG A 118 15.03 -11.78 17.48
N PHE A 119 15.70 -11.09 16.55
CA PHE A 119 15.10 -10.08 15.69
C PHE A 119 15.39 -10.41 14.24
N MET A 120 14.61 -9.79 13.35
CA MET A 120 14.95 -9.73 11.92
C MET A 120 15.20 -8.27 11.57
N ALA A 121 16.27 -7.98 10.85
CA ALA A 121 16.63 -6.60 10.56
C ALA A 121 17.55 -6.52 9.35
N ASP A 122 17.32 -5.50 8.51
CA ASP A 122 18.21 -5.23 7.37
C ASP A 122 19.40 -4.50 7.93
N LEU A 123 20.45 -5.24 8.24
CA LEU A 123 21.62 -4.70 8.90
C LEU A 123 22.76 -4.19 8.00
N ARG A 124 22.65 -4.44 6.72
CA ARG A 124 23.75 -4.19 5.77
C ARG A 124 23.29 -3.44 4.54
N LYS A 125 22.12 -2.82 4.58
CA LYS A 125 21.58 -2.07 3.42
C LYS A 125 21.42 -2.89 2.15
N THR A 126 20.97 -4.11 2.30
CA THR A 126 20.71 -4.94 1.15
C THR A 126 19.28 -4.86 0.70
N GLY A 127 18.42 -4.31 1.54
CA GLY A 127 16.98 -4.33 1.36
C GLY A 127 16.30 -5.58 1.91
N ARG A 128 17.09 -6.51 2.43
CA ARG A 128 16.55 -7.76 2.98
C ARG A 128 16.91 -7.88 4.46
N ALA A 129 16.03 -8.53 5.21
CA ALA A 129 16.24 -8.72 6.64
C ALA A 129 17.18 -9.89 6.93
N ASP A 130 18.26 -9.61 7.66
CA ASP A 130 19.14 -10.61 8.20
C ASP A 130 18.56 -11.10 9.53
N ILE A 131 19.02 -12.28 9.96
CA ILE A 131 18.67 -12.77 11.30
C ILE A 131 19.67 -12.21 12.30
N VAL A 132 19.22 -11.66 13.41
CA VAL A 132 20.08 -11.07 14.44
C VAL A 132 19.62 -11.61 15.76
N GLY A 133 20.51 -12.23 16.52
CA GLY A 133 20.20 -12.79 17.84
C GLY A 133 21.18 -12.31 18.87
N PHE A 134 20.67 -11.92 20.03
CA PHE A 134 21.47 -11.67 21.23
C PHE A 134 21.47 -13.01 21.94
N GLY A 135 22.56 -13.77 21.78
CA GLY A 135 22.58 -15.16 22.22
C GLY A 135 23.43 -15.27 23.47
N ASP A 136 24.14 -16.40 23.62
CA ASP A 136 24.94 -16.58 24.80
C ASP A 136 26.29 -15.83 24.68
N GLY A 137 27.03 -16.02 23.60
CA GLY A 137 28.38 -15.45 23.46
C GLY A 137 28.46 -14.01 22.98
N GLY A 138 27.33 -13.48 22.55
CA GLY A 138 27.32 -12.13 22.01
C GLY A 138 26.14 -11.99 21.06
N ILE A 139 26.28 -11.08 20.13
CA ILE A 139 25.32 -10.90 19.03
C ILE A 139 25.76 -11.73 17.83
N TYR A 140 24.88 -12.58 17.31
CA TYR A 140 25.13 -13.39 16.15
C TYR A 140 24.26 -12.96 15.02
N ILE A 141 24.78 -13.00 13.82
CA ILE A 141 24.01 -12.67 12.63
C ILE A 141 24.08 -13.78 11.63
N SER A 142 22.96 -14.08 10.99
CA SER A 142 22.97 -14.87 9.77
C SER A 142 22.60 -13.97 8.60
N ARG A 143 23.51 -13.87 7.63
CA ARG A 143 23.29 -13.00 6.50
C ARG A 143 22.25 -13.58 5.58
N ASN A 144 21.29 -12.76 5.19
CA ASN A 144 20.34 -13.08 4.19
C ASN A 144 20.96 -12.77 2.82
N ASN A 145 21.39 -13.80 2.10
CA ASN A 145 22.07 -13.62 0.82
C ASN A 145 21.11 -13.62 -0.37
N GLY A 146 19.81 -13.70 -0.11
CA GLY A 146 18.80 -13.65 -1.18
C GLY A 146 18.38 -15.04 -1.56
N GLY A 147 17.21 -15.11 -2.20
CA GLY A 147 16.62 -16.39 -2.63
C GLY A 147 16.50 -17.42 -1.53
N GLY A 148 16.23 -16.99 -0.31
CA GLY A 148 16.10 -17.91 0.82
C GLY A 148 17.37 -18.51 1.35
N GLN A 149 18.53 -17.98 0.91
CA GLN A 149 19.81 -18.50 1.33
C GLN A 149 20.30 -17.65 2.45
N PHE A 150 20.31 -18.25 3.64
CA PHE A 150 20.88 -17.64 4.84
C PHE A 150 22.23 -18.29 5.17
N ALA A 151 23.24 -17.47 5.41
CA ALA A 151 24.60 -18.01 5.62
C ALA A 151 24.75 -18.50 7.06
N PRO A 152 25.74 -19.38 7.28
CA PRO A 152 26.00 -19.77 8.64
C PRO A 152 26.24 -18.57 9.57
N ALA A 153 25.75 -18.70 10.80
CA ALA A 153 25.78 -17.64 11.78
C ALA A 153 27.23 -17.25 12.05
N GLN A 154 27.51 -15.93 12.04
CA GLN A 154 28.82 -15.31 12.41
C GLN A 154 28.60 -14.41 13.67
N LEU A 155 29.52 -14.43 14.63
CA LEU A 155 29.53 -13.54 15.78
C LEU A 155 29.75 -12.11 15.31
N ALA A 156 28.76 -11.25 15.52
CA ALA A 156 28.85 -9.84 15.15
C ALA A 156 29.57 -8.97 16.19
N LEU A 157 29.46 -9.34 17.47
CA LEU A 157 30.10 -8.63 18.60
C LEU A 157 30.02 -9.48 19.84
N ASN A 158 31.12 -9.62 20.55
CA ASN A 158 31.16 -10.39 21.78
C ASN A 158 30.73 -9.56 22.97
N ASN A 159 29.53 -9.01 22.86
CA ASN A 159 28.96 -8.25 23.93
C ASN A 159 27.45 -8.29 23.79
N PHE A 160 26.76 -7.74 24.79
CA PHE A 160 25.28 -7.74 24.86
C PHE A 160 24.68 -9.14 24.87
N GLY A 161 25.46 -10.15 25.25
CA GLY A 161 25.03 -11.53 25.36
C GLY A 161 24.86 -11.99 26.80
N TYR A 162 24.25 -13.16 26.94
CA TYR A 162 24.04 -13.71 28.27
C TYR A 162 25.38 -13.99 28.96
N ALA A 163 26.40 -14.42 28.21
CA ALA A 163 27.73 -14.74 28.76
C ALA A 163 28.34 -13.51 29.43
N GLN A 164 28.04 -12.31 28.89
CA GLN A 164 28.55 -11.07 29.44
C GLN A 164 27.69 -10.50 30.56
N GLY A 165 26.64 -11.20 30.96
CA GLY A 165 25.87 -10.76 32.11
C GLY A 165 24.56 -10.06 31.78
N TRP A 166 24.22 -10.00 30.49
CA TRP A 166 22.95 -9.35 30.07
C TRP A 166 21.77 -10.24 30.41
N ARG A 167 20.78 -9.65 31.08
CA ARG A 167 19.61 -10.37 31.58
C ARG A 167 18.29 -9.70 31.22
N LEU A 168 17.34 -10.50 30.77
CA LEU A 168 16.05 -9.96 30.41
C LEU A 168 15.29 -9.38 31.58
N ASP A 169 15.60 -9.79 32.81
CA ASP A 169 14.90 -9.25 33.94
C ASP A 169 15.51 -7.97 34.49
N ARG A 170 16.64 -7.54 33.93
CA ARG A 170 17.36 -6.34 34.43
C ARG A 170 17.65 -5.29 33.36
N HIS A 171 17.81 -5.74 32.12
CA HIS A 171 18.43 -4.93 31.06
C HIS A 171 17.53 -4.87 29.82
N LEU A 172 17.80 -3.91 28.95
CA LEU A 172 17.04 -3.75 27.67
C LEU A 172 17.99 -3.65 26.50
N ARG A 173 17.61 -4.22 25.36
CA ARG A 173 18.39 -4.17 24.16
C ARG A 173 17.53 -3.78 22.96
N PHE A 174 18.04 -2.86 22.19
CA PHE A 174 17.34 -2.26 21.03
C PHE A 174 18.25 -2.23 19.82
N LEU A 175 17.68 -2.10 18.63
CA LEU A 175 18.37 -1.71 17.46
C LEU A 175 17.78 -0.38 16.96
N ALA A 176 18.62 0.61 16.72
CA ALA A 176 18.14 1.92 16.32
C ALA A 176 19.34 2.69 15.73
N ASP A 177 19.08 3.58 14.79
CA ASP A 177 20.14 4.40 14.17
C ASP A 177 20.39 5.60 15.07
N VAL A 178 21.52 5.60 15.73
CA VAL A 178 21.90 6.73 16.58
C VAL A 178 22.89 7.68 15.88
N THR A 179 23.26 7.41 14.62
CA THR A 179 24.29 8.26 13.94
C THR A 179 23.80 8.94 12.69
N GLY A 180 22.71 8.44 12.13
CA GLY A 180 22.07 9.04 11.00
C GLY A 180 22.51 8.50 9.65
N ASP A 181 23.38 7.48 9.64
CA ASP A 181 23.83 6.85 8.38
C ASP A 181 22.88 5.78 7.87
N GLY A 182 21.76 5.55 8.55
CA GLY A 182 20.77 4.62 8.08
C GLY A 182 20.98 3.21 8.55
N LEU A 183 22.08 2.95 9.26
CA LEU A 183 22.36 1.62 9.81
C LEU A 183 21.87 1.53 11.27
N LEU A 184 21.24 0.42 11.64
CA LEU A 184 20.79 0.24 12.99
C LEU A 184 21.95 -0.17 13.92
N ASP A 185 22.16 0.65 14.96
CA ASP A 185 23.17 0.41 15.95
C ASP A 185 22.55 -0.31 17.15
N VAL A 186 23.35 -0.93 17.98
CA VAL A 186 22.85 -1.51 19.22
C VAL A 186 22.74 -0.42 20.29
N VAL A 187 21.64 -0.42 21.03
CA VAL A 187 21.51 0.38 22.25
C VAL A 187 21.10 -0.54 23.38
N GLY A 188 21.91 -0.61 24.44
CA GLY A 188 21.72 -1.57 25.52
C GLY A 188 21.72 -0.82 26.84
N PHE A 189 20.64 -0.95 27.60
CA PHE A 189 20.51 -0.40 28.93
C PHE A 189 21.00 -1.50 29.89
N GLY A 190 22.26 -1.37 30.28
CA GLY A 190 22.95 -2.37 31.08
C GLY A 190 22.76 -2.18 32.57
N GLU A 191 23.69 -2.72 33.36
CA GLU A 191 23.57 -2.63 34.79
C GLU A 191 23.78 -1.22 35.29
N ASN A 192 24.84 -0.56 34.78
CA ASN A 192 25.19 0.76 35.21
C ASN A 192 25.16 1.83 34.14
N GLN A 193 25.23 1.42 32.87
CA GLN A 193 25.28 2.41 31.81
C GLN A 193 24.45 1.96 30.63
N VAL A 194 24.01 2.95 29.87
CA VAL A 194 23.51 2.77 28.52
C VAL A 194 24.72 2.72 27.63
N TYR A 195 24.80 1.67 26.84
CA TYR A 195 25.87 1.43 25.89
C TYR A 195 25.37 1.48 24.47
N ILE A 196 26.18 1.98 23.55
CA ILE A 196 25.89 1.92 22.15
C ILE A 196 27.01 1.14 21.47
N ALA A 197 26.66 0.42 20.45
CA ALA A 197 27.65 -0.24 19.62
C ALA A 197 27.32 0.08 18.17
N ARG A 198 28.23 0.77 17.48
CA ARG A 198 28.00 1.20 16.13
C ARG A 198 28.03 0.06 15.14
N ASN A 199 27.02 0.01 14.29
CA ASN A 199 26.96 -0.92 13.19
C ASN A 199 27.92 -0.47 12.09
N SER A 200 28.86 -1.35 11.73
CA SER A 200 29.79 -1.02 10.65
C SER A 200 29.26 -1.34 9.25
N GLY A 201 28.08 -1.94 9.19
CA GLY A 201 27.42 -2.21 7.92
C GLY A 201 27.86 -3.48 7.25
N ASN A 202 28.70 -4.26 7.92
CA ASN A 202 29.29 -5.48 7.37
C ASN A 202 29.00 -6.71 8.20
N GLY A 203 27.92 -6.69 9.00
CA GLY A 203 27.69 -7.86 9.83
C GLY A 203 28.38 -7.84 11.17
N THR A 204 29.08 -6.75 11.49
CA THR A 204 29.70 -6.61 12.80
C THR A 204 29.36 -5.26 13.39
N PHE A 205 29.51 -5.20 14.71
CA PHE A 205 29.36 -3.95 15.43
C PHE A 205 30.69 -3.60 16.07
N GLN A 206 30.92 -2.32 16.24
CA GLN A 206 32.11 -1.80 16.91
C GLN A 206 32.02 -2.01 18.40
N PRO A 207 33.17 -1.98 19.07
CA PRO A 207 33.13 -2.17 20.51
C PRO A 207 32.16 -1.21 21.22
N ALA A 208 31.42 -1.75 22.19
CA ALA A 208 30.46 -0.98 22.95
C ALA A 208 31.12 0.19 23.67
N GLN A 209 30.41 1.29 23.71
CA GLN A 209 30.81 2.45 24.46
C GLN A 209 29.69 3.02 25.29
N ALA A 210 29.96 3.28 26.57
CA ALA A 210 28.99 3.84 27.47
C ALA A 210 28.71 5.30 27.13
N VAL A 211 27.42 5.66 27.12
CA VAL A 211 26.97 7.02 26.82
C VAL A 211 26.23 7.76 27.96
N VAL A 212 25.58 7.05 28.87
CA VAL A 212 24.74 7.63 29.92
C VAL A 212 24.78 6.71 31.14
N ASN A 213 25.02 7.29 32.31
CA ASN A 213 25.04 6.60 33.59
C ASN A 213 23.69 6.86 34.30
N ASN A 214 22.63 6.36 33.67
CA ASN A 214 21.26 6.56 34.15
C ASN A 214 20.42 5.61 33.30
N PHE A 215 19.14 5.54 33.61
CA PHE A 215 18.20 4.68 32.90
C PHE A 215 18.44 3.23 33.11
N CYS A 216 19.23 2.88 34.12
CA CYS A 216 19.57 1.49 34.35
C CYS A 216 19.25 1.03 35.77
N ILE A 217 19.23 -0.29 35.95
CA ILE A 217 18.85 -0.86 37.24
C ILE A 217 19.80 -0.44 38.37
N GLY A 218 21.08 -0.26 38.02
CA GLY A 218 22.07 0.16 38.97
C GLY A 218 22.45 1.63 38.93
N ALA A 219 21.76 2.42 38.09
CA ALA A 219 22.07 3.85 37.91
C ALA A 219 20.72 4.51 37.75
N GLY A 220 20.17 4.94 38.86
CA GLY A 220 18.90 5.58 38.91
C GLY A 220 17.75 4.66 39.27
N GLY A 221 18.03 3.39 39.55
CA GLY A 221 16.98 2.51 40.06
C GLY A 221 15.89 2.18 39.06
N TRP A 222 16.27 2.11 37.78
CA TRP A 222 15.27 1.80 36.73
C TRP A 222 15.06 0.32 36.61
N THR A 223 13.83 -0.13 36.83
CA THR A 223 13.51 -1.53 36.78
C THR A 223 12.60 -1.88 35.61
N ILE A 224 12.65 -3.12 35.21
CA ILE A 224 11.80 -3.66 34.17
C ILE A 224 10.33 -3.66 34.62
N SER A 225 10.13 -3.90 35.91
CA SER A 225 8.76 -4.04 36.40
C SER A 225 8.07 -2.71 36.58
N ALA A 226 8.81 -1.59 36.62
CA ALA A 226 8.21 -0.29 36.93
C ALA A 226 8.51 0.89 36.00
N HIS A 227 9.59 0.81 35.22
CA HIS A 227 10.11 2.00 34.52
C HIS A 227 10.46 1.71 33.06
N PRO A 228 9.48 1.72 32.18
CA PRO A 228 9.76 1.48 30.80
C PRO A 228 10.63 2.54 30.14
N ARG A 229 11.43 2.08 29.18
CA ARG A 229 12.36 2.93 28.42
C ARG A 229 12.23 2.58 26.96
N VAL A 230 12.45 3.59 26.12
CA VAL A 230 12.36 3.47 24.70
C VAL A 230 13.48 4.28 24.08
N VAL A 231 13.78 3.97 22.84
CA VAL A 231 14.62 4.83 22.04
C VAL A 231 13.78 5.26 20.85
N ALA A 232 13.89 6.53 20.53
CA ALA A 232 13.04 7.13 19.51
C ALA A 232 13.59 8.47 19.08
N ASP A 233 13.30 8.91 17.85
CA ASP A 233 13.72 10.23 17.40
C ASP A 233 12.78 11.29 17.95
N LEU A 234 13.28 12.12 18.86
CA LEU A 234 12.48 13.16 19.48
C LEU A 234 12.65 14.54 18.83
N THR A 235 13.50 14.66 17.82
CA THR A 235 13.77 15.96 17.24
C THR A 235 13.60 16.09 15.71
N GLY A 236 13.53 14.99 14.98
CA GLY A 236 13.26 15.00 13.55
C GLY A 236 14.45 14.87 12.65
N ASP A 237 15.62 14.65 13.24
CA ASP A 237 16.84 14.50 12.43
C ASP A 237 17.11 13.04 12.09
N ARG A 238 16.20 12.16 12.50
CA ARG A 238 16.22 10.72 12.17
C ARG A 238 17.20 9.92 13.04
N LYS A 239 17.80 10.57 14.02
CA LYS A 239 18.73 9.90 14.94
C LYS A 239 17.95 9.61 16.21
N ALA A 240 18.19 8.44 16.83
CA ALA A 240 17.43 8.12 18.04
C ALA A 240 17.97 8.76 19.32
N ASP A 241 17.03 9.25 20.12
CA ASP A 241 17.23 9.72 21.48
C ASP A 241 16.76 8.65 22.48
N ILE A 242 17.05 8.90 23.75
CA ILE A 242 16.66 8.02 24.87
C ILE A 242 15.52 8.69 25.66
N LEU A 243 14.45 7.94 25.94
CA LEU A 243 13.32 8.39 26.74
C LEU A 243 12.96 7.34 27.75
N GLY A 244 12.81 7.72 29.00
CA GLY A 244 12.35 6.80 30.00
C GLY A 244 11.21 7.32 30.84
N PHE A 245 10.28 6.43 31.15
CA PHE A 245 9.19 6.72 32.06
C PHE A 245 9.64 6.35 33.47
N GLY A 246 10.12 7.32 34.23
CA GLY A 246 10.73 7.03 35.55
C GLY A 246 9.77 7.33 36.66
N VAL A 247 10.31 7.71 37.81
CA VAL A 247 9.47 7.95 38.95
C VAL A 247 8.73 9.29 38.88
N ALA A 248 9.46 10.39 38.71
CA ALA A 248 8.83 11.69 38.71
C ALA A 248 8.07 11.97 37.42
N GLY A 249 8.45 11.29 36.34
CA GLY A 249 7.89 11.53 35.04
C GLY A 249 8.83 11.05 33.97
N VAL A 250 8.80 11.76 32.85
CA VAL A 250 9.54 11.45 31.65
C VAL A 250 10.89 12.14 31.63
N TYR A 251 11.93 11.31 31.53
CA TYR A 251 13.29 11.73 31.42
C TYR A 251 13.82 11.44 30.04
N THR A 252 14.60 12.36 29.50
CA THR A 252 15.25 12.16 28.22
C THR A 252 16.75 12.42 28.29
N SER A 253 17.45 11.81 27.35
CA SER A 253 18.81 12.20 27.00
C SER A 253 18.84 12.34 25.50
N LEU A 254 19.11 13.56 25.02
CA LEU A 254 19.12 13.81 23.58
C LEU A 254 20.47 13.49 22.92
N ASN A 255 20.37 12.88 21.75
CA ASN A 255 21.49 12.60 20.88
C ASN A 255 22.03 13.89 20.32
N ASN A 256 23.34 14.08 20.45
CA ASN A 256 23.95 15.29 19.91
C ASN A 256 24.02 15.32 18.39
N GLY A 257 23.75 14.18 17.77
CA GLY A 257 23.72 14.03 16.31
C GLY A 257 24.74 13.02 15.79
N ASN A 258 25.69 12.66 16.65
CA ASN A 258 26.74 11.69 16.29
C ASN A 258 26.78 10.47 17.17
N GLY A 259 25.69 10.15 17.84
CA GLY A 259 25.70 9.00 18.73
C GLY A 259 26.29 9.26 20.12
N THR A 260 26.67 10.50 20.43
CA THR A 260 26.94 10.98 21.79
C THR A 260 25.68 11.60 22.34
N PHE A 261 25.58 11.66 23.67
CA PHE A 261 24.34 11.96 24.37
C PHE A 261 24.45 13.05 25.44
N GLY A 262 23.41 13.86 25.55
CA GLY A 262 23.35 14.98 26.47
C GLY A 262 22.96 14.51 27.84
N ALA A 263 22.88 15.45 28.75
CA ALA A 263 22.51 15.19 30.13
C ALA A 263 21.08 14.70 30.23
N VAL A 264 20.78 14.07 31.35
CA VAL A 264 19.46 13.53 31.58
C VAL A 264 18.63 14.61 32.20
N ASN A 265 17.50 14.91 31.56
CA ASN A 265 16.56 15.89 32.08
C ASN A 265 15.14 15.36 32.23
N LEU A 266 14.50 15.77 33.31
CA LEU A 266 13.08 15.61 33.54
C LEU A 266 12.32 16.59 32.67
N VAL A 267 11.60 16.11 31.66
CA VAL A 267 10.95 16.97 30.68
C VAL A 267 9.43 17.01 30.82
N LEU A 268 8.85 16.11 31.59
CA LEU A 268 7.42 16.13 31.79
C LEU A 268 7.10 15.42 33.10
N LYS A 269 6.44 16.09 34.03
CA LYS A 269 6.01 15.50 35.31
C LYS A 269 4.67 14.79 35.15
N ASP A 270 4.68 13.79 34.29
CA ASP A 270 3.54 12.89 34.12
C ASP A 270 4.03 11.59 33.49
N PHE A 271 3.14 10.61 33.40
CA PHE A 271 3.45 9.31 32.83
C PHE A 271 4.46 8.47 33.62
N GLY A 272 4.73 8.87 34.87
CA GLY A 272 5.65 8.12 35.71
C GLY A 272 4.99 7.53 36.91
N VAL A 273 5.80 6.84 37.71
CA VAL A 273 5.29 6.16 38.95
C VAL A 273 4.57 7.14 39.84
N ASN A 274 5.10 8.34 39.97
CA ASN A 274 4.46 9.33 40.87
C ASN A 274 3.11 9.85 40.40
N SER A 275 2.81 9.66 39.11
CA SER A 275 1.51 10.01 38.61
C SER A 275 0.58 8.79 38.51
N GLY A 276 1.02 7.69 39.08
CA GLY A 276 0.19 6.51 39.26
C GLY A 276 0.25 5.51 38.12
N TRP A 277 1.18 5.67 37.22
CA TRP A 277 1.32 4.78 36.09
C TRP A 277 2.01 3.52 36.56
N ARG A 278 1.55 2.37 36.07
CA ARG A 278 1.99 1.07 36.54
C ARG A 278 2.09 0.16 35.32
N VAL A 279 3.20 -0.53 35.16
CA VAL A 279 3.44 -1.39 33.99
C VAL A 279 2.36 -2.48 33.90
N GLU A 280 1.90 -2.97 35.04
CA GLU A 280 0.95 -4.09 34.94
C GLU A 280 -0.48 -3.66 34.62
N LYS A 281 -0.77 -2.35 34.65
CA LYS A 281 -2.10 -1.78 34.38
C LYS A 281 -2.17 -0.96 33.08
N HIS A 282 -1.04 -0.37 32.69
CA HIS A 282 -1.02 0.71 31.70
C HIS A 282 -0.02 0.44 30.60
N VAL A 283 -0.24 1.05 29.46
CA VAL A 283 0.63 0.90 28.30
C VAL A 283 1.16 2.31 27.97
N ARG A 284 2.46 2.44 27.72
CA ARG A 284 3.09 3.73 27.42
C ARG A 284 3.94 3.56 26.17
N CYS A 285 3.74 4.47 25.23
CA CYS A 285 4.30 4.39 23.88
C CYS A 285 4.86 5.75 23.51
N VAL A 286 5.82 5.74 22.59
CA VAL A 286 6.25 6.94 21.87
C VAL A 286 6.10 6.73 20.37
N SER A 287 5.33 7.60 19.73
CA SER A 287 5.08 7.47 18.31
C SER A 287 4.81 8.83 17.74
N SER A 288 4.85 8.97 16.43
CA SER A 288 4.57 10.27 15.81
C SER A 288 3.10 10.47 15.60
N LEU A 289 2.55 11.48 16.24
CA LEU A 289 1.12 11.80 16.14
C LEU A 289 0.82 13.05 15.31
N THR A 290 1.88 13.71 14.82
CA THR A 290 1.68 14.99 14.16
C THR A 290 2.60 15.11 12.96
N ASN A 291 2.39 16.18 12.18
CA ASN A 291 3.23 16.42 11.01
C ASN A 291 4.67 16.79 11.31
N LYS A 292 5.00 17.01 12.58
CA LYS A 292 6.40 17.19 12.95
C LYS A 292 7.23 15.92 12.82
N LYS A 293 6.59 14.74 12.84
CA LYS A 293 7.27 13.48 12.63
C LYS A 293 8.39 13.32 13.68
N VAL A 294 8.01 13.50 14.94
CA VAL A 294 8.89 13.28 16.08
C VAL A 294 8.12 12.42 17.05
N GLY A 295 8.80 11.93 18.08
CA GLY A 295 8.11 11.10 19.04
C GLY A 295 7.30 11.84 20.05
N ASP A 296 5.98 11.61 20.01
CA ASP A 296 5.05 12.10 20.97
C ASP A 296 4.76 10.97 22.00
N ILE A 297 4.21 11.34 23.15
CA ILE A 297 3.97 10.38 24.20
C ILE A 297 2.50 10.01 24.29
N ILE A 298 2.23 8.71 24.34
CA ILE A 298 0.85 8.16 24.44
C ILE A 298 0.81 7.20 25.58
N GLY A 299 -0.16 7.39 26.47
CA GLY A 299 -0.35 6.49 27.58
C GLY A 299 -1.80 6.03 27.63
N PHE A 300 -1.96 4.71 27.80
CA PHE A 300 -3.28 4.09 28.04
C PHE A 300 -3.33 3.93 29.55
N GLY A 301 -3.98 4.91 30.18
CA GLY A 301 -4.10 4.96 31.61
C GLY A 301 -5.42 4.39 32.11
N ASP A 302 -5.85 4.89 33.27
CA ASP A 302 -7.07 4.41 33.88
C ASP A 302 -8.28 4.90 33.12
N ALA A 303 -8.39 6.21 32.94
CA ALA A 303 -9.60 6.81 32.38
C ALA A 303 -9.69 6.88 30.86
N GLY A 304 -8.58 6.55 30.21
CA GLY A 304 -8.57 6.59 28.76
C GLY A 304 -7.14 6.78 28.28
N VAL A 305 -7.03 7.33 27.07
CA VAL A 305 -5.74 7.51 26.42
C VAL A 305 -5.34 8.99 26.60
N TYR A 306 -4.12 9.18 27.05
CA TYR A 306 -3.56 10.50 27.32
C TYR A 306 -2.37 10.69 26.40
N VAL A 307 -2.25 11.91 25.91
CA VAL A 307 -1.18 12.24 24.95
C VAL A 307 -0.52 13.56 25.36
N ALA A 308 0.81 13.60 25.21
CA ALA A 308 1.55 14.85 25.27
C ALA A 308 2.34 14.98 24.00
N LEU A 309 2.13 16.11 23.30
CA LEU A 309 2.77 16.33 22.02
C LEU A 309 4.14 16.98 22.16
N ASN A 310 5.10 16.38 21.49
CA ASN A 310 6.45 16.92 21.37
C ASN A 310 6.39 18.23 20.58
N ASN A 311 7.05 19.25 21.09
CA ASN A 311 7.13 20.55 20.40
C ASN A 311 7.98 20.53 19.17
N GLY A 312 8.72 19.45 19.02
CA GLY A 312 9.61 19.21 17.87
C GLY A 312 11.10 19.22 18.23
N ASN A 313 11.38 19.57 19.47
CA ASN A 313 12.74 19.65 19.99
C ASN A 313 12.98 18.77 21.22
N GLY A 314 12.04 17.87 21.52
CA GLY A 314 12.16 16.98 22.63
C GLY A 314 11.56 17.50 23.92
N THR A 315 10.98 18.69 23.88
CA THR A 315 10.13 19.19 24.98
C THR A 315 8.68 18.89 24.62
N PHE A 316 7.85 18.88 25.67
CA PHE A 316 6.48 18.38 25.56
C PHE A 316 5.45 19.36 26.05
N GLY A 317 4.29 19.34 25.39
CA GLY A 317 3.17 20.15 25.77
C GLY A 317 2.35 19.49 26.84
N PRO A 318 1.21 20.07 27.14
CA PRO A 318 0.36 19.58 28.20
C PRO A 318 -0.22 18.21 27.88
N VAL A 319 -0.51 17.47 28.95
CA VAL A 319 -1.09 16.16 28.78
C VAL A 319 -2.58 16.36 28.65
N LYS A 320 -3.15 15.72 27.63
CA LYS A 320 -4.57 15.80 27.30
C LYS A 320 -5.13 14.39 27.22
N ARG A 321 -6.31 14.18 27.76
CA ARG A 321 -7.01 12.91 27.57
C ARG A 321 -7.72 12.97 26.25
N VAL A 322 -7.27 12.21 25.26
CA VAL A 322 -7.79 12.32 23.90
C VAL A 322 -8.95 11.39 23.53
N ILE A 323 -9.11 10.33 24.31
CA ILE A 323 -10.25 9.41 24.19
C ILE A 323 -10.53 8.80 25.53
N ASP A 324 -11.81 8.73 25.90
CA ASP A 324 -12.25 8.11 27.13
C ASP A 324 -12.52 6.63 26.87
N ASN A 325 -11.51 5.94 26.40
CA ASN A 325 -11.65 4.51 26.15
C ASN A 325 -10.25 3.86 26.01
N PHE A 326 -10.22 2.55 25.88
CA PHE A 326 -8.97 1.77 25.84
C PHE A 326 -8.18 1.78 27.15
N GLY A 327 -8.82 2.24 28.24
CA GLY A 327 -8.14 2.34 29.51
C GLY A 327 -8.52 1.26 30.49
N TYR A 328 -7.81 1.26 31.63
CA TYR A 328 -8.06 0.25 32.60
C TYR A 328 -9.50 0.33 33.11
N ASN A 329 -10.00 1.55 33.28
CA ASN A 329 -11.37 1.71 33.80
C ASN A 329 -12.43 1.19 32.89
N GLN A 330 -12.13 1.12 31.59
CA GLN A 330 -13.00 0.53 30.58
C GLN A 330 -12.82 -0.98 30.41
N GLY A 331 -12.07 -1.58 31.30
CA GLY A 331 -11.89 -3.03 31.35
C GLY A 331 -10.70 -3.56 30.57
N TRP A 332 -9.91 -2.66 29.97
CA TRP A 332 -8.78 -3.11 29.15
C TRP A 332 -7.69 -3.56 30.08
N ARG A 333 -7.04 -4.66 29.71
CA ARG A 333 -6.06 -5.33 30.57
C ARG A 333 -4.81 -5.66 29.80
N VAL A 334 -3.66 -5.34 30.34
CA VAL A 334 -2.39 -5.64 29.70
C VAL A 334 -2.20 -7.15 29.43
N ASP A 335 -2.73 -7.98 30.31
CA ASP A 335 -2.64 -9.42 30.16
C ASP A 335 -3.63 -10.07 29.22
N LYS A 336 -4.51 -9.28 28.64
CA LYS A 336 -5.59 -9.81 27.80
C LYS A 336 -5.78 -9.07 26.48
N HIS A 337 -5.47 -7.75 26.42
CA HIS A 337 -5.92 -6.91 25.30
C HIS A 337 -4.80 -6.07 24.66
N PRO A 338 -4.09 -6.63 23.68
CA PRO A 338 -3.05 -5.86 23.00
C PRO A 338 -3.52 -4.52 22.42
N ARG A 339 -2.73 -3.47 22.65
CA ARG A 339 -2.99 -2.14 22.19
C ARG A 339 -1.74 -1.57 21.54
N PHE A 340 -1.93 -0.94 20.39
CA PHE A 340 -0.84 -0.43 19.60
C PHE A 340 -1.09 0.96 19.13
N VAL A 341 -0.03 1.70 18.89
CA VAL A 341 -0.11 3.03 18.32
C VAL A 341 0.68 2.93 17.02
N VAL A 342 -0.04 3.08 15.93
CA VAL A 342 0.47 2.78 14.59
C VAL A 342 -0.34 3.56 13.54
N ASP A 343 0.28 3.96 12.45
CA ASP A 343 -0.48 4.62 11.40
C ASP A 343 -1.31 3.54 10.66
N LEU A 344 -2.65 3.78 10.67
CA LEU A 344 -3.61 2.91 10.01
C LEU A 344 -4.22 3.62 8.80
N THR A 345 -3.87 4.88 8.56
CA THR A 345 -4.60 5.72 7.61
C THR A 345 -3.72 6.38 6.55
N GLY A 346 -2.40 6.32 6.69
CA GLY A 346 -1.50 6.79 5.65
C GLY A 346 -1.11 8.25 5.70
N ASP A 347 -1.56 8.97 6.72
CA ASP A 347 -1.30 10.41 6.85
C ASP A 347 -0.01 10.75 7.62
N GLY A 348 0.62 9.72 8.16
CA GLY A 348 1.82 9.94 8.99
C GLY A 348 1.58 10.24 10.45
N CYS A 349 0.33 10.28 10.87
CA CYS A 349 -0.04 10.59 12.27
C CYS A 349 -0.58 9.31 12.84
N ALA A 350 0.09 8.72 13.81
CA ALA A 350 -0.31 7.39 14.27
C ALA A 350 -1.69 7.38 14.91
N ASP A 351 -2.34 6.24 14.75
CA ASP A 351 -3.67 5.94 15.22
C ASP A 351 -3.59 4.90 16.33
N ILE A 352 -4.74 4.58 16.92
CA ILE A 352 -4.79 3.61 17.99
C ILE A 352 -5.56 2.36 17.53
N VAL A 353 -5.08 1.19 17.86
CA VAL A 353 -5.84 -0.05 17.66
C VAL A 353 -5.72 -0.90 18.89
N GLY A 354 -6.81 -1.55 19.27
CA GLY A 354 -6.78 -2.47 20.38
C GLY A 354 -7.64 -3.67 20.15
N PHE A 355 -7.15 -4.80 20.63
CA PHE A 355 -7.84 -6.09 20.51
C PHE A 355 -8.53 -6.33 21.82
N GLY A 356 -9.82 -6.02 21.87
CA GLY A 356 -10.57 -6.00 23.14
C GLY A 356 -11.07 -7.39 23.53
N GLU A 357 -11.97 -7.43 24.51
CA GLU A 357 -12.52 -8.66 24.98
C GLU A 357 -13.36 -9.34 23.87
N ASN A 358 -14.09 -8.56 23.09
CA ASN A 358 -14.99 -9.08 22.05
C ASN A 358 -14.68 -8.64 20.65
N SER A 359 -14.21 -7.41 20.49
CA SER A 359 -13.99 -6.87 19.16
C SER A 359 -12.65 -6.15 19.10
N VAL A 360 -12.14 -6.01 17.89
CA VAL A 360 -11.02 -5.13 17.61
C VAL A 360 -11.58 -3.72 17.32
N TRP A 361 -10.98 -2.69 17.93
CA TRP A 361 -11.39 -1.32 17.83
C TRP A 361 -10.26 -0.45 17.42
N ALA A 362 -10.57 0.59 16.68
CA ALA A 362 -9.59 1.62 16.34
C ALA A 362 -10.09 3.00 16.68
N CYS A 363 -9.17 3.95 16.79
CA CYS A 363 -9.50 5.35 16.99
C CYS A 363 -8.51 6.13 16.18
N MET A 364 -8.97 6.94 15.25
CA MET A 364 -8.08 7.53 14.27
C MET A 364 -7.69 8.97 14.66
N ASN A 365 -6.43 9.25 14.49
CA ASN A 365 -5.88 10.60 14.65
C ASN A 365 -6.52 11.51 13.61
N LYS A 366 -6.92 12.70 14.02
CA LYS A 366 -7.41 13.71 13.07
C LYS A 366 -6.27 14.36 12.26
N GLY A 367 -5.04 14.13 12.63
CA GLY A 367 -3.90 14.65 11.91
C GLY A 367 -3.04 15.59 12.73
N ASP A 368 -3.51 15.93 13.92
CA ASP A 368 -2.90 16.94 14.79
C ASP A 368 -2.74 16.44 16.21
N GLY A 369 -2.83 15.14 16.43
CA GLY A 369 -2.70 14.58 17.77
C GLY A 369 -3.95 14.57 18.58
N THR A 370 -5.08 14.95 17.95
CA THR A 370 -6.39 14.76 18.54
C THR A 370 -7.07 13.64 17.78
N PHE A 371 -8.12 13.08 18.38
CA PHE A 371 -8.64 11.80 17.92
C PHE A 371 -10.14 11.83 17.68
N GLY A 372 -10.58 11.02 16.74
CA GLY A 372 -11.99 10.84 16.48
C GLY A 372 -12.64 9.83 17.41
N PRO A 373 -13.86 9.39 17.07
CA PRO A 373 -14.57 8.43 17.89
C PRO A 373 -14.05 7.03 17.72
N ILE A 374 -14.36 6.20 18.69
CA ILE A 374 -14.00 4.81 18.57
C ILE A 374 -14.76 4.15 17.43
N MET A 375 -14.09 3.25 16.71
CA MET A 375 -14.66 2.53 15.57
C MET A 375 -14.45 1.03 15.69
N LYS A 376 -15.50 0.25 15.50
CA LYS A 376 -15.37 -1.19 15.49
C LYS A 376 -14.75 -1.65 14.21
N LEU A 377 -13.77 -2.52 14.29
CA LEU A 377 -13.21 -3.08 13.05
C LEU A 377 -13.88 -4.43 12.76
N ILE A 378 -13.82 -5.33 13.72
CA ILE A 378 -14.25 -6.71 13.48
C ILE A 378 -14.38 -7.48 14.79
N ASP A 379 -15.26 -8.46 14.80
CA ASP A 379 -15.52 -9.30 15.97
C ASP A 379 -14.73 -10.60 15.83
N ASP A 380 -13.42 -10.51 15.94
CA ASP A 380 -12.56 -11.66 15.80
C ASP A 380 -11.18 -11.28 16.33
N MET A 381 -10.29 -12.25 16.56
CA MET A 381 -8.94 -11.97 17.06
C MET A 381 -8.92 -11.41 18.50
N THR A 382 -9.89 -11.85 19.27
CA THR A 382 -10.17 -11.36 20.61
C THR A 382 -10.37 -12.51 21.59
N VAL A 383 -10.41 -12.19 22.89
CA VAL A 383 -10.58 -13.19 23.95
C VAL A 383 -11.78 -14.09 23.69
N SER A 384 -12.90 -13.46 23.39
CA SER A 384 -14.15 -14.22 23.28
C SER A 384 -14.23 -15.00 21.98
N LYS A 385 -13.31 -14.73 21.03
CA LYS A 385 -13.28 -15.51 19.79
C LYS A 385 -12.10 -16.46 19.79
N GLY A 386 -11.55 -16.73 20.97
CA GLY A 386 -10.58 -17.78 21.15
C GLY A 386 -9.12 -17.38 21.10
N TRP A 387 -8.82 -16.10 21.38
CA TRP A 387 -7.45 -15.62 21.37
C TRP A 387 -7.04 -15.17 22.74
N THR A 388 -6.20 -15.95 23.38
CA THR A 388 -5.65 -15.62 24.70
C THR A 388 -4.25 -15.16 24.50
N LEU A 389 -3.91 -14.11 25.22
CA LEU A 389 -2.71 -13.40 24.95
C LEU A 389 -1.53 -14.37 25.06
N GLN A 390 -1.62 -15.29 26.02
CA GLN A 390 -0.57 -16.22 26.34
C GLN A 390 -0.34 -17.38 25.32
N LYS A 391 -1.32 -17.65 24.48
CA LYS A 391 -1.30 -18.71 23.46
C LYS A 391 -1.32 -18.17 22.04
N THR A 392 -1.23 -16.87 21.89
CA THR A 392 -1.30 -16.23 20.58
C THR A 392 -0.33 -15.07 20.57
N VAL A 393 0.01 -14.64 19.35
CA VAL A 393 0.80 -13.41 19.11
C VAL A 393 0.02 -12.53 18.15
N ARG A 394 -0.13 -11.24 18.46
CA ARG A 394 -0.80 -10.31 17.54
C ARG A 394 0.05 -9.06 17.35
N TYR A 395 0.10 -8.59 16.10
CA TYR A 395 0.92 -7.45 15.71
C TYR A 395 0.15 -6.55 14.78
N ALA A 396 0.50 -5.28 14.78
CA ALA A 396 0.27 -4.46 13.62
C ALA A 396 1.54 -4.56 12.76
N ALA A 397 1.40 -4.67 11.45
CA ALA A 397 2.55 -4.84 10.55
C ALA A 397 2.19 -4.36 9.18
N ASN A 398 3.13 -3.80 8.48
CA ASN A 398 2.94 -3.42 7.10
C ASN A 398 3.26 -4.58 6.18
N LEU A 399 2.27 -5.38 5.86
CA LEU A 399 2.50 -6.51 4.92
C LEU A 399 2.87 -6.06 3.52
N TYR A 400 2.30 -4.92 3.15
CA TYR A 400 2.49 -4.28 1.90
C TYR A 400 2.43 -2.79 2.27
N LEU A 401 2.91 -2.02 1.34
CA LEU A 401 3.01 -0.57 1.42
C LEU A 401 1.62 0.10 1.56
N SER B 1 4.76 -6.71 -19.89
CA SER B 1 3.99 -5.82 -18.96
C SER B 1 2.51 -6.09 -19.13
N VAL B 2 1.78 -6.07 -18.02
CA VAL B 2 0.33 -6.21 -18.01
C VAL B 2 -0.37 -4.85 -18.11
N VAL B 3 0.39 -3.76 -18.08
CA VAL B 3 -0.21 -2.43 -18.14
C VAL B 3 -0.91 -2.18 -19.49
N VAL B 4 -2.19 -1.79 -19.45
CA VAL B 4 -2.90 -1.36 -20.64
C VAL B 4 -3.51 0.02 -20.37
N ILE B 5 -3.30 0.96 -21.30
CA ILE B 5 -3.83 2.30 -21.23
C ILE B 5 -4.80 2.49 -22.36
N SER B 6 -6.05 2.82 -22.03
CA SER B 6 -7.09 2.99 -23.02
C SER B 6 -7.70 4.37 -22.90
N GLN B 7 -8.44 4.78 -23.91
CA GLN B 7 -9.16 6.05 -23.83
C GLN B 7 -10.16 6.06 -22.66
N ALA B 8 -10.86 4.95 -22.49
CA ALA B 8 -11.91 4.84 -21.47
C ALA B 8 -11.29 4.81 -20.09
N LEU B 9 -10.12 4.18 -19.95
CA LEU B 9 -9.44 3.93 -18.70
C LEU B 9 -7.97 4.34 -18.90
N PRO B 10 -7.73 5.66 -18.89
CA PRO B 10 -6.37 6.14 -19.07
C PRO B 10 -5.50 6.01 -17.84
N VAL B 11 -6.10 5.71 -16.70
CA VAL B 11 -5.34 5.51 -15.48
C VAL B 11 -5.36 4.03 -15.08
N PRO B 12 -4.29 3.28 -15.38
CA PRO B 12 -4.35 1.84 -15.06
C PRO B 12 -4.35 1.62 -13.58
N THR B 13 -4.94 0.52 -13.14
CA THR B 13 -4.86 0.12 -11.74
C THR B 13 -4.23 -1.27 -11.62
N ARG B 14 -3.74 -1.54 -10.44
CA ARG B 14 -2.92 -2.71 -10.20
C ARG B 14 -3.75 -3.90 -9.82
N ILE B 15 -3.32 -5.09 -10.29
CA ILE B 15 -3.91 -6.38 -9.86
C ILE B 15 -2.73 -7.25 -9.44
N PRO B 16 -2.64 -7.64 -8.17
CA PRO B 16 -3.39 -7.24 -7.01
C PRO B 16 -3.18 -5.80 -6.60
N GLY B 17 -4.18 -5.26 -5.92
CA GLY B 17 -4.07 -3.93 -5.35
C GLY B 17 -5.23 -3.53 -4.46
N VAL B 18 -5.01 -2.39 -3.78
CA VAL B 18 -6.01 -1.76 -2.91
C VAL B 18 -6.21 -0.34 -3.42
N ALA B 19 -7.01 -0.21 -4.49
CA ALA B 19 -7.10 1.06 -5.19
C ALA B 19 -7.81 2.10 -4.37
N ASP B 20 -7.29 3.34 -4.48
CA ASP B 20 -7.92 4.50 -3.91
C ASP B 20 -8.95 5.10 -4.86
N LEU B 21 -9.75 6.03 -4.36
CA LEU B 21 -10.66 6.79 -5.22
C LEU B 21 -10.22 8.24 -5.26
N VAL B 22 -10.20 8.83 -6.44
CA VAL B 22 -9.71 10.19 -6.60
C VAL B 22 -10.78 10.97 -7.34
N GLY B 23 -11.10 12.15 -6.84
CA GLY B 23 -12.08 13.02 -7.51
C GLY B 23 -11.55 14.41 -7.76
N PHE B 24 -11.65 14.84 -9.02
CA PHE B 24 -11.35 16.22 -9.46
C PHE B 24 -12.70 16.91 -9.42
N GLY B 25 -12.99 17.60 -8.30
CA GLY B 25 -14.29 18.18 -8.06
C GLY B 25 -14.30 19.66 -8.30
N ASN B 26 -15.39 20.29 -7.91
CA ASN B 26 -15.53 21.73 -8.11
C ASN B 26 -14.41 22.50 -7.43
N GLY B 27 -14.10 22.14 -6.19
CA GLY B 27 -13.17 22.85 -5.40
C GLY B 27 -11.73 22.36 -5.38
N GLY B 28 -11.42 21.36 -6.23
CA GLY B 28 -10.07 20.85 -6.32
C GLY B 28 -10.03 19.35 -6.27
N VAL B 29 -8.90 18.81 -5.79
CA VAL B 29 -8.67 17.38 -5.82
C VAL B 29 -8.92 16.77 -4.47
N TYR B 30 -9.67 15.69 -4.46
CA TYR B 30 -10.09 15.01 -3.23
C TYR B 30 -9.75 13.55 -3.36
N ILE B 31 -9.32 12.93 -2.26
CA ILE B 31 -9.03 11.49 -2.26
C ILE B 31 -9.76 10.74 -1.19
N ILE B 32 -10.10 9.51 -1.51
CA ILE B 32 -10.59 8.53 -0.54
C ILE B 32 -9.50 7.45 -0.52
N ARG B 33 -8.64 7.47 0.49
CA ARG B 33 -7.61 6.46 0.67
C ARG B 33 -8.26 5.15 1.04
N ASN B 34 -7.88 4.10 0.35
CA ASN B 34 -8.34 2.79 0.65
C ASN B 34 -7.69 2.31 1.90
N SER B 35 -8.48 2.28 2.97
CA SER B 35 -7.95 1.99 4.31
C SER B 35 -9.08 1.77 5.29
N LEU B 36 -8.72 1.44 6.52
CA LEU B 36 -9.69 1.25 7.60
C LEU B 36 -10.52 2.49 7.88
N LEU B 37 -9.99 3.67 7.63
CA LEU B 37 -10.76 4.94 7.78
C LEU B 37 -11.20 5.44 6.40
N ILE B 38 -12.51 5.47 6.16
CA ILE B 38 -13.06 5.90 4.87
C ILE B 38 -13.57 7.31 5.02
N GLN B 39 -12.91 8.25 4.37
CA GLN B 39 -13.20 9.66 4.52
C GLN B 39 -12.70 10.34 3.26
N VAL B 40 -13.20 11.54 3.02
CA VAL B 40 -12.73 12.36 1.89
C VAL B 40 -11.74 13.36 2.43
N VAL B 41 -10.60 13.47 1.77
CA VAL B 41 -9.58 14.45 2.13
C VAL B 41 -9.30 15.33 0.93
N LYS B 42 -9.40 16.64 1.11
CA LYS B 42 -9.02 17.55 0.05
C LYS B 42 -7.53 17.68 0.06
N VAL B 43 -6.90 17.47 -1.09
CA VAL B 43 -5.44 17.51 -1.19
C VAL B 43 -4.84 18.66 -2.00
N ILE B 44 -5.58 19.20 -2.98
CA ILE B 44 -5.05 20.26 -3.84
C ILE B 44 -6.16 21.26 -4.19
N ASN B 45 -5.89 22.56 -4.02
CA ASN B 45 -6.85 23.63 -4.37
C ASN B 45 -6.63 24.02 -5.82
N ASN B 46 -6.67 23.02 -6.69
CA ASN B 46 -6.45 23.27 -8.12
C ASN B 46 -6.94 22.01 -8.80
N PHE B 47 -6.88 22.03 -10.12
CA PHE B 47 -7.35 20.93 -10.96
C PHE B 47 -8.85 20.71 -10.85
N GLY B 48 -9.59 21.73 -10.40
CA GLY B 48 -11.05 21.65 -10.29
C GLY B 48 -11.77 22.65 -11.19
N TYR B 49 -13.07 22.49 -11.23
CA TYR B 49 -13.92 23.28 -12.11
C TYR B 49 -13.83 24.74 -11.67
N ASP B 50 -14.15 25.02 -10.42
CA ASP B 50 -14.00 26.38 -9.94
C ASP B 50 -12.58 26.64 -9.48
N ALA B 51 -11.97 25.65 -8.82
CA ALA B 51 -10.59 25.81 -8.33
C ALA B 51 -9.56 25.57 -9.46
N GLY B 52 -9.43 26.56 -10.34
CA GLY B 52 -8.47 26.57 -11.38
C GLY B 52 -9.04 26.65 -12.77
N GLY B 53 -10.36 26.51 -12.93
CA GLY B 53 -11.02 26.66 -14.23
C GLY B 53 -10.88 25.43 -15.15
N TRP B 54 -10.66 24.25 -14.55
CA TRP B 54 -10.50 23.06 -15.35
C TRP B 54 -11.81 22.59 -15.96
N ARG B 55 -11.73 22.17 -17.23
CA ARG B 55 -12.91 21.81 -18.02
C ARG B 55 -12.66 20.48 -18.72
N VAL B 56 -13.61 19.58 -18.63
CA VAL B 56 -13.48 18.29 -19.30
C VAL B 56 -13.30 18.45 -20.82
N GLU B 57 -13.90 19.48 -21.38
CA GLU B 57 -13.85 19.69 -22.82
C GLU B 57 -12.60 20.45 -23.28
N LYS B 58 -11.79 20.97 -22.33
CA LYS B 58 -10.53 21.64 -22.71
C LYS B 58 -9.24 21.05 -22.13
N HIS B 59 -9.35 20.26 -21.06
CA HIS B 59 -8.21 19.88 -20.29
C HIS B 59 -8.25 18.38 -19.98
N VAL B 60 -7.09 17.82 -19.62
CA VAL B 60 -7.00 16.38 -19.25
C VAL B 60 -6.39 16.31 -17.84
N ARG B 61 -7.00 15.47 -16.99
CA ARG B 61 -6.53 15.26 -15.62
C ARG B 61 -6.33 13.76 -15.36
N LEU B 62 -5.12 13.41 -14.96
CA LEU B 62 -4.70 12.02 -14.75
C LEU B 62 -3.89 11.86 -13.48
N LEU B 63 -3.64 10.60 -13.12
CA LEU B 63 -2.70 10.20 -12.06
C LEU B 63 -1.63 9.37 -12.69
N ALA B 64 -0.37 9.59 -12.31
CA ALA B 64 0.76 8.81 -12.80
C ALA B 64 1.95 9.01 -11.91
N ASP B 65 2.82 7.99 -11.83
CA ASP B 65 4.07 8.13 -11.08
C ASP B 65 5.06 8.80 -11.98
N THR B 66 5.33 10.07 -11.70
CA THR B 66 6.28 10.84 -12.52
C THR B 66 7.70 10.93 -11.97
N THR B 67 7.95 10.28 -10.83
CA THR B 67 9.30 10.34 -10.23
C THR B 67 10.00 9.00 -10.06
N GLY B 68 9.24 7.90 -10.06
CA GLY B 68 9.77 6.56 -9.95
C GLY B 68 9.77 6.02 -8.53
N ASP B 69 9.15 6.74 -7.60
CA ASP B 69 9.02 6.20 -6.23
C ASP B 69 7.75 5.35 -5.99
N ASN B 70 7.03 5.00 -7.05
CA ASN B 70 5.81 4.20 -6.94
C ASN B 70 4.62 4.88 -6.24
N GLN B 71 4.68 6.21 -6.12
CA GLN B 71 3.57 7.01 -5.61
C GLN B 71 3.04 7.75 -6.83
N SER B 72 1.72 7.81 -6.96
CA SER B 72 1.09 8.51 -8.07
C SER B 72 0.98 10.00 -7.81
N ASP B 73 1.23 10.78 -8.83
CA ASP B 73 1.16 12.22 -8.82
C ASP B 73 -0.05 12.65 -9.62
N VAL B 74 -0.48 13.87 -9.40
CA VAL B 74 -1.58 14.46 -10.17
C VAL B 74 -1.00 15.22 -11.34
N VAL B 75 -1.47 14.92 -12.55
CA VAL B 75 -0.95 15.54 -13.75
C VAL B 75 -2.14 16.13 -14.51
N GLY B 76 -2.04 17.42 -14.80
CA GLY B 76 -3.06 18.07 -15.61
C GLY B 76 -2.53 18.77 -16.84
N PHE B 77 -3.20 18.49 -17.96
CA PHE B 77 -2.92 19.16 -19.21
C PHE B 77 -3.90 20.34 -19.23
N GLY B 78 -3.36 21.50 -18.86
CA GLY B 78 -4.15 22.68 -18.58
C GLY B 78 -4.24 23.60 -19.77
N GLU B 79 -4.47 24.87 -19.48
CA GLU B 79 -4.73 25.85 -20.53
C GLU B 79 -3.47 26.18 -21.33
N ASN B 80 -2.34 26.31 -20.62
CA ASN B 80 -1.11 26.81 -21.22
C ASN B 80 0.10 25.88 -21.04
N GLY B 81 -0.09 24.69 -20.46
CA GLY B 81 0.98 23.76 -20.30
C GLY B 81 0.57 22.61 -19.38
N VAL B 82 1.53 21.78 -19.03
CA VAL B 82 1.32 20.56 -18.24
C VAL B 82 1.73 20.90 -16.82
N TRP B 83 0.81 20.66 -15.86
CA TRP B 83 0.99 20.99 -14.45
C TRP B 83 1.02 19.68 -13.63
N ILE B 84 1.96 19.57 -12.69
CA ILE B 84 2.10 18.36 -11.87
C ILE B 84 2.11 18.76 -10.38
N SER B 85 1.32 18.06 -9.58
CA SER B 85 1.38 18.07 -8.11
C SER B 85 1.91 16.71 -7.66
N THR B 86 3.14 16.66 -7.16
CA THR B 86 3.70 15.41 -6.75
C THR B 86 3.21 15.01 -5.36
N ASN B 87 3.18 13.69 -5.20
CA ASN B 87 2.74 13.04 -3.97
C ASN B 87 3.81 13.20 -2.88
N ASN B 88 3.43 13.76 -1.73
CA ASN B 88 4.38 13.90 -0.62
C ASN B 88 4.54 12.65 0.22
N GLY B 89 3.77 11.60 -0.09
CA GLY B 89 3.92 10.32 0.61
C GLY B 89 2.96 10.05 1.75
N ASN B 90 2.23 11.06 2.17
CA ASN B 90 1.45 11.08 3.42
C ASN B 90 0.03 11.61 3.21
N ASN B 91 -0.58 11.24 2.07
CA ASN B 91 -1.90 11.72 1.75
C ASN B 91 -1.94 13.26 1.59
N THR B 92 -0.83 13.84 1.16
CA THR B 92 -0.78 15.27 0.80
C THR B 92 0.06 15.32 -0.47
N PHE B 93 -0.17 16.40 -1.21
CA PHE B 93 0.47 16.65 -2.52
C PHE B 93 0.93 18.11 -2.60
N VAL B 94 1.91 18.35 -3.44
CA VAL B 94 2.43 19.71 -3.65
C VAL B 94 1.30 20.59 -4.17
N ASP B 95 1.18 21.79 -3.61
CA ASP B 95 0.14 22.74 -3.97
C ASP B 95 0.69 24.16 -3.74
N PRO B 96 0.75 25.00 -4.79
CA PRO B 96 0.28 24.77 -6.14
C PRO B 96 1.14 23.80 -6.92
N PRO B 97 0.58 23.26 -8.01
CA PRO B 97 1.37 22.43 -8.90
C PRO B 97 2.42 23.24 -9.64
N LYS B 98 3.34 22.55 -10.27
CA LYS B 98 4.42 23.18 -11.06
C LYS B 98 4.18 22.94 -12.53
N MET B 99 4.46 23.96 -13.35
CA MET B 99 4.31 23.83 -14.78
C MET B 99 5.58 23.26 -15.35
N VAL B 100 5.52 22.03 -15.86
CA VAL B 100 6.72 21.30 -16.25
C VAL B 100 6.99 21.32 -17.76
N LEU B 101 6.00 21.73 -18.55
CA LEU B 101 6.19 21.79 -20.01
C LEU B 101 5.08 22.60 -20.65
N ALA B 102 5.45 23.67 -21.35
CA ALA B 102 4.47 24.49 -22.08
C ALA B 102 4.18 23.86 -23.45
N ASN B 103 3.41 22.77 -23.41
CA ASN B 103 3.05 22.04 -24.61
C ASN B 103 1.95 21.10 -24.19
N PHE B 104 1.39 20.38 -25.15
CA PHE B 104 0.30 19.45 -24.91
C PHE B 104 -0.89 20.12 -24.25
N ALA B 105 -1.15 21.40 -24.58
CA ALA B 105 -2.19 22.18 -23.95
C ALA B 105 -3.04 22.96 -24.93
N TYR B 106 -4.22 23.32 -24.48
CA TYR B 106 -5.18 24.07 -25.30
C TYR B 106 -4.53 25.24 -26.04
N ALA B 107 -3.75 26.04 -25.32
CA ALA B 107 -3.08 27.20 -25.92
C ALA B 107 -1.55 27.01 -25.96
N ALA B 108 -1.07 25.78 -25.94
CA ALA B 108 0.37 25.51 -26.17
C ALA B 108 0.44 24.25 -27.04
N GLY B 109 0.44 24.46 -28.35
CA GLY B 109 0.40 23.39 -29.29
C GLY B 109 -0.93 23.08 -29.92
N GLY B 110 -1.99 23.76 -29.46
CA GLY B 110 -3.32 23.66 -30.06
C GLY B 110 -4.01 22.32 -29.78
N TRP B 111 -3.70 21.72 -28.62
CA TRP B 111 -4.27 20.44 -28.32
C TRP B 111 -5.74 20.61 -27.98
N ARG B 112 -6.53 19.63 -28.41
CA ARG B 112 -7.97 19.62 -28.26
C ARG B 112 -8.49 18.25 -27.81
N VAL B 113 -9.39 18.25 -26.81
CA VAL B 113 -9.92 17.00 -26.28
C VAL B 113 -10.69 16.22 -27.32
N GLU B 114 -11.32 16.93 -28.24
CA GLU B 114 -12.15 16.30 -29.26
C GLU B 114 -11.37 15.77 -30.45
N LYS B 115 -10.08 16.10 -30.53
CA LYS B 115 -9.23 15.70 -31.65
C LYS B 115 -8.09 14.79 -31.25
N HIS B 116 -7.63 14.89 -30.01
CA HIS B 116 -6.34 14.34 -29.61
C HIS B 116 -6.51 13.56 -28.33
N ILE B 117 -5.54 12.70 -28.05
CA ILE B 117 -5.53 11.87 -26.85
C ILE B 117 -4.25 12.15 -26.09
N ARG B 118 -4.37 12.36 -24.79
CA ARG B 118 -3.23 12.58 -23.92
C ARG B 118 -3.19 11.57 -22.79
N PHE B 119 -2.08 10.86 -22.72
CA PHE B 119 -1.81 9.83 -21.71
C PHE B 119 -0.49 10.17 -21.01
N MET B 120 -0.31 9.55 -19.84
CA MET B 120 0.98 9.43 -19.19
C MET B 120 1.36 7.96 -19.15
N ALA B 121 2.59 7.65 -19.54
CA ALA B 121 3.00 6.26 -19.65
C ALA B 121 4.51 6.10 -19.57
N ASP B 122 4.95 5.06 -18.84
CA ASP B 122 6.38 4.76 -18.73
C ASP B 122 6.74 3.99 -19.98
N LEU B 123 7.14 4.72 -21.00
CA LEU B 123 7.30 4.15 -22.35
C LEU B 123 8.69 3.58 -22.57
N ARG B 124 9.62 3.96 -21.71
CA ARG B 124 11.03 3.66 -21.95
C ARG B 124 11.58 2.76 -20.84
N LYS B 125 10.72 2.25 -19.96
CA LYS B 125 11.17 1.44 -18.80
C LYS B 125 12.13 2.16 -17.87
N THR B 126 11.81 3.40 -17.52
CA THR B 126 12.62 4.19 -16.62
C THR B 126 12.07 4.15 -15.23
N GLY B 127 10.84 3.68 -15.11
CA GLY B 127 10.12 3.77 -13.84
C GLY B 127 9.34 5.07 -13.67
N ARG B 128 9.46 5.97 -14.65
CA ARG B 128 8.80 7.28 -14.61
C ARG B 128 7.86 7.38 -15.79
N ALA B 129 6.74 8.08 -15.62
CA ALA B 129 5.82 8.27 -16.72
C ALA B 129 6.24 9.43 -17.62
N ASP B 130 6.36 9.12 -18.91
CA ASP B 130 6.52 10.12 -19.98
C ASP B 130 5.17 10.65 -20.40
N ILE B 131 5.16 11.81 -21.03
CA ILE B 131 3.94 12.35 -21.64
C ILE B 131 3.80 11.75 -23.02
N VAL B 132 2.61 11.29 -23.37
CA VAL B 132 2.36 10.64 -24.66
C VAL B 132 1.07 11.19 -25.20
N GLY B 133 1.13 11.88 -26.37
CA GLY B 133 -0.07 12.37 -26.95
C GLY B 133 -0.25 11.98 -28.39
N PHE B 134 -1.47 11.58 -28.73
CA PHE B 134 -1.87 11.40 -30.12
C PHE B 134 -2.43 12.74 -30.56
N GLY B 135 -1.62 13.48 -31.31
CA GLY B 135 -1.88 14.82 -31.68
C GLY B 135 -2.23 14.90 -33.15
N ASP B 136 -1.92 16.02 -33.75
CA ASP B 136 -2.29 16.20 -35.18
C ASP B 136 -1.41 15.40 -36.11
N GLY B 137 -0.11 15.62 -35.97
CA GLY B 137 0.88 15.01 -36.83
C GLY B 137 1.29 13.60 -36.51
N GLY B 138 0.79 13.06 -35.41
CA GLY B 138 1.13 11.74 -35.06
C GLY B 138 1.18 11.65 -33.55
N ILE B 139 2.00 10.74 -33.06
CA ILE B 139 2.18 10.53 -31.62
C ILE B 139 3.40 11.28 -31.20
N TYR B 140 3.22 12.17 -30.23
CA TYR B 140 4.29 12.96 -29.61
C TYR B 140 4.59 12.45 -28.22
N ILE B 141 5.86 12.47 -27.86
CA ILE B 141 6.33 12.11 -26.52
C ILE B 141 7.16 13.26 -25.98
N SER B 142 7.06 13.47 -24.67
CA SER B 142 8.00 14.29 -23.94
C SER B 142 8.62 13.39 -22.87
N ARG B 143 9.92 13.17 -22.98
CA ARG B 143 10.66 12.32 -22.09
C ARG B 143 10.78 12.92 -20.70
N ASN B 144 10.43 12.12 -19.70
CA ASN B 144 10.58 12.46 -18.29
C ASN B 144 11.96 12.12 -17.86
N ASN B 145 12.80 13.15 -17.76
CA ASN B 145 14.20 12.96 -17.35
C ASN B 145 14.39 13.02 -15.86
N GLY B 146 13.31 13.02 -15.09
CA GLY B 146 13.44 13.04 -13.64
C GLY B 146 13.58 14.46 -13.09
N GLY B 147 13.27 14.61 -11.80
CA GLY B 147 13.32 15.91 -11.14
C GLY B 147 12.38 16.95 -11.72
N GLY B 148 11.32 16.49 -12.37
CA GLY B 148 10.34 17.34 -13.04
C GLY B 148 10.80 17.93 -14.35
N GLN B 149 11.88 17.38 -14.91
CA GLN B 149 12.44 17.87 -16.16
C GLN B 149 11.91 17.03 -17.27
N PHE B 150 11.08 17.67 -18.11
CA PHE B 150 10.51 17.02 -19.26
C PHE B 150 11.14 17.64 -20.50
N ALA B 151 11.58 16.79 -21.41
CA ALA B 151 12.30 17.23 -22.61
C ALA B 151 11.33 17.80 -23.66
N PRO B 152 11.84 18.61 -24.62
CA PRO B 152 11.00 19.06 -25.74
C PRO B 152 10.29 17.91 -26.43
N ALA B 153 9.04 18.17 -26.82
CA ALA B 153 8.23 17.13 -27.46
C ALA B 153 8.92 16.61 -28.74
N GLN B 154 8.84 15.30 -28.97
CA GLN B 154 9.36 14.66 -30.17
C GLN B 154 8.28 13.82 -30.83
N LEU B 155 8.35 13.66 -32.14
CA LEU B 155 7.41 12.78 -32.85
C LEU B 155 7.84 11.34 -32.73
N ALA B 156 7.07 10.57 -31.99
CA ALA B 156 7.38 9.17 -31.78
C ALA B 156 6.96 8.39 -33.03
N LEU B 157 5.94 8.86 -33.74
CA LEU B 157 5.51 8.23 -35.00
C LEU B 157 4.58 9.13 -35.74
N ASN B 158 4.82 9.25 -37.03
CA ASN B 158 3.95 10.06 -37.94
C ASN B 158 2.68 9.34 -38.35
N ASN B 159 2.01 8.72 -37.37
CA ASN B 159 0.78 8.00 -37.64
C ASN B 159 -0.09 8.08 -36.38
N PHE B 160 -1.33 7.63 -36.53
CA PHE B 160 -2.28 7.61 -35.43
C PHE B 160 -2.67 8.99 -34.96
N GLY B 161 -2.47 10.00 -35.81
CA GLY B 161 -2.87 11.35 -35.51
C GLY B 161 -4.07 11.83 -36.30
N TYR B 162 -4.51 13.03 -35.98
CA TYR B 162 -5.70 13.59 -36.58
C TYR B 162 -5.47 13.86 -38.07
N ALA B 163 -4.28 14.32 -38.43
CA ALA B 163 -3.99 14.59 -39.87
C ALA B 163 -3.97 13.35 -40.69
N GLN B 164 -3.67 12.21 -40.11
CA GLN B 164 -3.74 10.93 -40.84
C GLN B 164 -5.16 10.36 -40.83
N GLY B 165 -6.13 11.12 -40.32
CA GLY B 165 -7.52 10.75 -40.45
C GLY B 165 -8.10 10.02 -39.24
N TRP B 166 -7.32 9.96 -38.16
CA TRP B 166 -7.83 9.27 -36.94
C TRP B 166 -8.78 10.18 -36.21
N ARG B 167 -9.92 9.61 -35.83
CA ARG B 167 -11.04 10.35 -35.25
C ARG B 167 -11.57 9.65 -34.01
N LEU B 168 -11.78 10.42 -32.94
CA LEU B 168 -12.37 9.88 -31.72
C LEU B 168 -13.77 9.32 -31.94
N ASP B 169 -14.50 9.79 -32.94
CA ASP B 169 -15.83 9.25 -33.17
C ASP B 169 -15.88 8.04 -34.14
N ARG B 170 -14.71 7.56 -34.60
CA ARG B 170 -14.60 6.41 -35.49
C ARG B 170 -13.61 5.36 -35.06
N HIS B 171 -12.57 5.72 -34.32
CA HIS B 171 -11.42 4.87 -34.13
C HIS B 171 -11.07 4.79 -32.64
N LEU B 172 -10.26 3.81 -32.28
CA LEU B 172 -9.75 3.62 -30.91
C LEU B 172 -8.24 3.46 -30.87
N ARG B 173 -7.60 4.05 -29.86
CA ARG B 173 -6.17 3.94 -29.68
C ARG B 173 -5.86 3.52 -28.24
N PHE B 174 -4.89 2.62 -28.10
CA PHE B 174 -4.46 2.00 -26.86
C PHE B 174 -2.96 1.92 -26.80
N LEU B 175 -2.42 1.80 -25.58
CA LEU B 175 -1.04 1.41 -25.35
C LEU B 175 -1.06 0.09 -24.59
N ALA B 176 -0.35 -0.92 -25.08
CA ALA B 176 -0.40 -2.23 -24.48
C ALA B 176 0.77 -3.04 -25.00
N ASP B 177 1.30 -3.94 -24.20
CA ASP B 177 2.42 -4.78 -24.66
C ASP B 177 1.84 -5.96 -25.44
N VAL B 178 2.01 -5.96 -26.77
CA VAL B 178 1.53 -7.08 -27.60
C VAL B 178 2.67 -8.03 -28.00
N THR B 179 3.91 -7.71 -27.66
CA THR B 179 5.06 -8.52 -28.13
C THR B 179 5.71 -9.33 -27.01
N GLY B 180 5.55 -8.88 -25.76
CA GLY B 180 6.11 -9.51 -24.58
C GLY B 180 7.49 -9.00 -24.15
N ASP B 181 7.98 -7.93 -24.78
CA ASP B 181 9.27 -7.32 -24.40
C ASP B 181 9.13 -6.39 -23.19
N GLY B 182 7.92 -6.25 -22.65
CA GLY B 182 7.70 -5.44 -21.46
C GLY B 182 7.58 -3.97 -21.78
N LEU B 183 7.59 -3.63 -23.07
CA LEU B 183 7.38 -2.27 -23.55
C LEU B 183 5.98 -2.10 -24.10
N LEU B 184 5.39 -0.93 -23.85
CA LEU B 184 4.05 -0.67 -24.40
C LEU B 184 4.05 -0.29 -25.90
N ASP B 185 3.25 -1.01 -26.69
CA ASP B 185 3.13 -0.80 -28.13
C ASP B 185 1.85 -0.05 -28.40
N VAL B 186 1.67 0.49 -29.60
CA VAL B 186 0.40 1.12 -29.98
C VAL B 186 -0.51 0.08 -30.58
N VAL B 187 -1.78 0.07 -30.17
CA VAL B 187 -2.83 -0.71 -30.83
C VAL B 187 -3.89 0.29 -31.30
N GLY B 188 -4.11 0.37 -32.60
CA GLY B 188 -5.09 1.28 -33.16
C GLY B 188 -6.13 0.58 -33.98
N PHE B 189 -7.38 0.81 -33.64
CA PHE B 189 -8.52 0.30 -34.42
C PHE B 189 -8.89 1.43 -35.36
N GLY B 190 -8.47 1.29 -36.62
CA GLY B 190 -8.64 2.36 -37.62
C GLY B 190 -9.89 2.24 -38.45
N GLU B 191 -9.83 2.73 -39.68
CA GLU B 191 -11.01 2.75 -40.52
C GLU B 191 -11.32 1.33 -41.01
N ASN B 192 -10.28 0.58 -41.40
CA ASN B 192 -10.46 -0.77 -41.98
C ASN B 192 -9.58 -1.86 -41.38
N GLN B 193 -8.59 -1.51 -40.57
CA GLN B 193 -7.72 -2.50 -39.99
C GLN B 193 -7.37 -2.10 -38.54
N VAL B 194 -7.14 -3.11 -37.69
CA VAL B 194 -6.42 -2.93 -36.44
C VAL B 194 -4.93 -2.89 -36.80
N TYR B 195 -4.22 -1.89 -36.30
CA TYR B 195 -2.79 -1.74 -36.48
C TYR B 195 -2.05 -1.84 -35.19
N ILE B 196 -0.82 -2.32 -35.30
CA ILE B 196 0.13 -2.35 -34.21
C ILE B 196 1.33 -1.56 -34.63
N ALA B 197 1.81 -0.68 -33.77
CA ALA B 197 3.10 -0.06 -33.97
C ALA B 197 3.97 -0.45 -32.79
N ARG B 198 5.03 -1.19 -33.05
CA ARG B 198 5.87 -1.70 -31.98
C ARG B 198 6.74 -0.62 -31.36
N ASN B 199 6.87 -0.66 -30.03
CA ASN B 199 7.78 0.20 -29.30
C ASN B 199 9.19 -0.13 -29.75
N SER B 200 9.92 0.89 -30.16
CA SER B 200 11.26 0.75 -30.77
C SER B 200 12.35 0.52 -29.72
N GLY B 201 12.02 0.83 -28.46
CA GLY B 201 12.98 0.86 -27.36
C GLY B 201 13.22 2.30 -26.91
N ASN B 202 13.33 3.19 -27.90
CA ASN B 202 13.92 4.53 -27.75
C ASN B 202 12.98 5.75 -27.66
N GLY B 203 11.74 5.59 -27.25
CA GLY B 203 10.81 6.70 -27.34
C GLY B 203 10.27 6.95 -28.74
N THR B 204 10.37 5.94 -29.61
CA THR B 204 9.69 5.99 -30.89
C THR B 204 8.95 4.69 -31.05
N PHE B 205 8.12 4.63 -32.09
CA PHE B 205 7.44 3.42 -32.52
C PHE B 205 7.86 3.11 -33.95
N GLN B 206 7.86 1.82 -34.26
CA GLN B 206 8.09 1.36 -35.62
C GLN B 206 6.86 1.65 -36.45
N PRO B 207 6.98 1.71 -37.77
CA PRO B 207 5.82 1.94 -38.61
C PRO B 207 4.65 0.99 -38.36
N ALA B 208 3.43 1.48 -38.51
CA ALA B 208 2.24 0.68 -38.21
C ALA B 208 2.13 -0.49 -39.15
N GLN B 209 1.69 -1.63 -38.63
CA GLN B 209 1.44 -2.86 -39.41
C GLN B 209 -0.03 -3.23 -39.22
N ALA B 210 -0.79 -3.39 -40.32
CA ALA B 210 -2.18 -3.86 -40.23
C ALA B 210 -2.18 -5.30 -39.78
N VAL B 211 -2.99 -5.64 -38.76
CA VAL B 211 -3.02 -7.01 -38.20
C VAL B 211 -4.36 -7.77 -38.29
N VAL B 212 -5.48 -7.04 -38.36
CA VAL B 212 -6.81 -7.65 -38.39
C VAL B 212 -7.72 -6.77 -39.21
N ASN B 213 -8.35 -7.33 -40.24
CA ASN B 213 -9.35 -6.63 -41.06
C ASN B 213 -10.73 -6.88 -40.45
N ASN B 214 -10.91 -6.37 -39.24
CA ASN B 214 -12.14 -6.57 -38.48
C ASN B 214 -12.06 -5.60 -37.31
N PHE B 215 -13.12 -5.55 -36.52
CA PHE B 215 -13.21 -4.74 -35.29
C PHE B 215 -13.15 -3.26 -35.61
N CYS B 216 -13.41 -2.88 -36.86
CA CYS B 216 -13.36 -1.47 -37.29
C CYS B 216 -14.64 -0.96 -37.94
N ILE B 217 -14.78 0.36 -37.98
CA ILE B 217 -15.97 0.99 -38.55
C ILE B 217 -16.22 0.59 -40.01
N GLY B 218 -15.11 0.42 -40.73
CA GLY B 218 -15.12 0.03 -42.15
C GLY B 218 -14.98 -1.45 -42.38
N ALA B 219 -14.87 -2.21 -41.30
CA ALA B 219 -14.60 -3.65 -41.42
C ALA B 219 -15.40 -4.39 -40.35
N GLY B 220 -16.64 -4.70 -40.68
CA GLY B 220 -17.53 -5.34 -39.73
C GLY B 220 -18.53 -4.44 -39.04
N GLY B 221 -18.56 -3.15 -39.38
CA GLY B 221 -19.58 -2.26 -38.86
C GLY B 221 -19.42 -1.89 -37.40
N TRP B 222 -18.19 -1.92 -36.89
CA TRP B 222 -17.94 -1.67 -35.44
C TRP B 222 -17.95 -0.17 -35.18
N THR B 223 -18.87 0.29 -34.36
CA THR B 223 -19.05 1.70 -34.09
C THR B 223 -18.69 2.05 -32.64
N ILE B 224 -18.23 3.28 -32.46
CA ILE B 224 -17.92 3.77 -31.16
C ILE B 224 -19.19 3.86 -30.30
N SER B 225 -20.32 4.15 -30.94
CA SER B 225 -21.56 4.37 -30.22
C SER B 225 -22.22 3.07 -29.76
N ALA B 226 -21.83 1.94 -30.32
CA ALA B 226 -22.52 0.67 -30.04
C ALA B 226 -21.64 -0.55 -29.78
N HIS B 227 -20.37 -0.52 -30.17
CA HIS B 227 -19.55 -1.73 -30.12
C HIS B 227 -18.18 -1.57 -29.46
N PRO B 228 -18.17 -1.51 -28.13
CA PRO B 228 -16.92 -1.32 -27.43
C PRO B 228 -15.89 -2.41 -27.65
N ARG B 229 -14.62 -2.04 -27.69
CA ARG B 229 -13.49 -2.91 -27.81
C ARG B 229 -12.47 -2.61 -26.74
N VAL B 230 -11.80 -3.66 -26.32
CA VAL B 230 -10.78 -3.55 -25.30
C VAL B 230 -9.59 -4.39 -25.76
N VAL B 231 -8.46 -4.06 -25.18
CA VAL B 231 -7.25 -4.82 -25.31
C VAL B 231 -6.90 -5.33 -23.94
N ALA B 232 -6.66 -6.64 -23.81
CA ALA B 232 -6.46 -7.25 -22.49
C ALA B 232 -5.85 -8.63 -22.67
N ASP B 233 -5.05 -9.05 -21.71
CA ASP B 233 -4.52 -10.42 -21.70
C ASP B 233 -5.65 -11.40 -21.36
N LEU B 234 -6.01 -12.25 -22.33
CA LEU B 234 -7.03 -13.29 -22.12
C LEU B 234 -6.46 -14.69 -21.84
N THR B 235 -5.14 -14.85 -21.86
CA THR B 235 -4.55 -16.20 -21.76
C THR B 235 -3.55 -16.37 -20.63
N GLY B 236 -3.07 -15.27 -20.06
CA GLY B 236 -2.16 -15.28 -18.93
C GLY B 236 -0.67 -15.21 -19.23
N ASP B 237 -0.29 -15.06 -20.48
CA ASP B 237 1.14 -14.90 -20.82
C ASP B 237 1.61 -13.45 -20.80
N ARG B 238 0.71 -12.55 -20.37
CA ARG B 238 0.94 -11.10 -20.24
C ARG B 238 0.93 -10.30 -21.56
N LYS B 239 0.75 -10.98 -22.68
CA LYS B 239 0.65 -10.34 -23.99
C LYS B 239 -0.81 -10.02 -24.29
N ALA B 240 -1.07 -8.81 -24.75
CA ALA B 240 -2.47 -8.39 -24.94
C ALA B 240 -3.18 -9.02 -26.14
N ASP B 241 -4.44 -9.38 -25.92
CA ASP B 241 -5.34 -9.88 -26.93
C ASP B 241 -6.40 -8.87 -27.23
N ILE B 242 -7.28 -9.13 -28.20
CA ILE B 242 -8.30 -8.20 -28.63
C ILE B 242 -9.67 -8.80 -28.29
N LEU B 243 -10.52 -8.05 -27.61
CA LEU B 243 -11.88 -8.45 -27.34
C LEU B 243 -12.84 -7.33 -27.78
N GLY B 244 -13.92 -7.69 -28.43
CA GLY B 244 -14.92 -6.77 -28.86
C GLY B 244 -16.32 -7.21 -28.54
N PHE B 245 -17.16 -6.28 -28.10
CA PHE B 245 -18.56 -6.48 -27.85
C PHE B 245 -19.32 -6.05 -29.11
N GLY B 246 -19.62 -7.05 -29.94
CA GLY B 246 -20.25 -6.80 -31.24
C GLY B 246 -21.74 -6.93 -31.20
N VAL B 247 -22.29 -7.30 -32.36
CA VAL B 247 -23.72 -7.45 -32.48
C VAL B 247 -24.17 -8.78 -31.92
N ALA B 248 -23.60 -9.89 -32.41
CA ALA B 248 -24.04 -11.21 -31.98
C ALA B 248 -23.54 -11.60 -30.58
N GLY B 249 -22.49 -10.95 -30.15
CA GLY B 249 -21.91 -11.24 -28.83
C GLY B 249 -20.47 -10.80 -28.80
N VAL B 250 -19.68 -11.52 -28.05
CA VAL B 250 -18.26 -11.19 -27.79
C VAL B 250 -17.39 -11.91 -28.82
N TYR B 251 -16.59 -11.11 -29.55
CA TYR B 251 -15.59 -11.60 -30.49
C TYR B 251 -14.20 -11.40 -29.95
N THR B 252 -13.31 -12.34 -30.17
CA THR B 252 -11.93 -12.17 -29.78
C THR B 252 -11.01 -12.47 -30.95
N SER B 253 -9.80 -11.93 -30.87
CA SER B 253 -8.67 -12.40 -31.67
C SER B 253 -7.50 -12.53 -30.73
N LEU B 254 -6.95 -13.73 -30.61
CA LEU B 254 -5.82 -14.02 -29.73
C LEU B 254 -4.50 -13.70 -30.40
N ASN B 255 -3.66 -13.02 -29.65
CA ASN B 255 -2.25 -12.80 -30.01
C ASN B 255 -1.57 -14.16 -30.30
N ASN B 256 -0.88 -14.27 -31.44
CA ASN B 256 -0.09 -15.47 -31.76
C ASN B 256 1.15 -15.61 -30.90
N GLY B 257 1.48 -14.54 -30.16
CA GLY B 257 2.63 -14.47 -29.28
C GLY B 257 3.65 -13.45 -29.74
N ASN B 258 3.47 -12.92 -30.96
CA ASN B 258 4.46 -12.03 -31.56
C ASN B 258 3.87 -10.68 -32.00
N GLY B 259 2.69 -10.33 -31.48
CA GLY B 259 2.07 -9.10 -31.88
C GLY B 259 1.37 -9.20 -33.23
N THR B 260 1.15 -10.42 -33.71
CA THR B 260 0.25 -10.69 -34.83
C THR B 260 -0.89 -11.47 -34.22
N PHE B 261 -2.01 -11.54 -34.93
CA PHE B 261 -3.27 -11.94 -34.32
C PHE B 261 -3.95 -13.02 -35.14
N GLY B 262 -4.64 -13.90 -34.41
CA GLY B 262 -5.31 -15.02 -35.03
C GLY B 262 -6.66 -14.65 -35.57
N ALA B 263 -7.38 -15.67 -36.00
CA ALA B 263 -8.70 -15.47 -36.56
C ALA B 263 -9.67 -14.85 -35.55
N VAL B 264 -10.66 -14.12 -36.08
CA VAL B 264 -11.71 -13.52 -35.24
C VAL B 264 -12.80 -14.55 -35.01
N ASN B 265 -13.12 -14.81 -33.75
CA ASN B 265 -14.10 -15.82 -33.35
C ASN B 265 -15.15 -15.22 -32.43
N LEU B 266 -16.41 -15.55 -32.69
CA LEU B 266 -17.47 -15.34 -31.73
C LEU B 266 -17.33 -16.35 -30.59
N VAL B 267 -17.08 -15.89 -29.36
CA VAL B 267 -16.77 -16.79 -28.25
C VAL B 267 -17.85 -16.82 -27.17
N LEU B 268 -18.80 -15.89 -27.25
CA LEU B 268 -19.89 -15.85 -26.27
C LEU B 268 -21.06 -15.10 -26.90
N LYS B 269 -22.25 -15.70 -26.89
CA LYS B 269 -23.44 -15.10 -27.48
C LYS B 269 -24.22 -14.34 -26.44
N ASP B 270 -23.55 -13.35 -25.88
CA ASP B 270 -24.13 -12.46 -24.89
C ASP B 270 -23.32 -11.20 -24.90
N PHE B 271 -23.81 -10.20 -24.18
CA PHE B 271 -23.12 -8.92 -24.02
C PHE B 271 -23.06 -8.08 -25.29
N GLY B 272 -23.84 -8.48 -26.28
CA GLY B 272 -23.88 -7.83 -27.60
C GLY B 272 -25.16 -7.04 -27.85
N VAL B 273 -25.16 -6.27 -28.93
CA VAL B 273 -26.35 -5.51 -29.30
C VAL B 273 -27.58 -6.42 -29.43
N ASN B 274 -27.41 -7.59 -30.01
CA ASN B 274 -28.54 -8.49 -30.19
C ASN B 274 -29.22 -8.95 -28.89
N SER B 275 -28.46 -8.98 -27.79
CA SER B 275 -28.94 -9.30 -26.44
C SER B 275 -29.46 -8.05 -25.70
N GLY B 276 -29.49 -6.88 -26.35
CA GLY B 276 -30.01 -5.66 -25.80
C GLY B 276 -29.03 -4.74 -25.11
N TRP B 277 -27.73 -5.03 -25.20
CA TRP B 277 -26.72 -4.24 -24.51
C TRP B 277 -26.47 -2.96 -25.28
N ARG B 278 -26.44 -1.83 -24.57
CA ARG B 278 -26.31 -0.52 -25.16
C ARG B 278 -25.31 0.31 -24.40
N VAL B 279 -24.45 1.00 -25.16
CA VAL B 279 -23.46 1.88 -24.58
C VAL B 279 -24.12 2.94 -23.68
N GLU B 280 -25.31 3.43 -24.05
CA GLU B 280 -25.92 4.51 -23.31
C GLU B 280 -26.55 4.07 -21.98
N LYS B 281 -26.81 2.77 -21.82
CA LYS B 281 -27.54 2.21 -20.68
C LYS B 281 -26.65 1.33 -19.77
N HIS B 282 -25.62 0.74 -20.35
CA HIS B 282 -24.88 -0.36 -19.73
C HIS B 282 -23.40 -0.06 -19.79
N VAL B 283 -22.69 -0.70 -18.87
CA VAL B 283 -21.24 -0.62 -18.77
C VAL B 283 -20.67 -2.02 -18.98
N ARG B 284 -19.70 -2.12 -19.89
CA ARG B 284 -19.05 -3.40 -20.13
C ARG B 284 -17.56 -3.26 -19.96
N CYS B 285 -16.98 -4.20 -19.21
CA CYS B 285 -15.59 -4.16 -18.74
C CYS B 285 -14.91 -5.54 -18.95
N VAL B 286 -13.58 -5.54 -19.05
CA VAL B 286 -12.79 -6.74 -18.90
C VAL B 286 -11.78 -6.53 -17.80
N SER B 287 -11.76 -7.43 -16.84
CA SER B 287 -10.86 -7.32 -15.70
C SER B 287 -10.65 -8.70 -15.13
N SER B 288 -9.59 -8.88 -14.34
CA SER B 288 -9.35 -10.15 -13.68
C SER B 288 -10.16 -10.30 -12.41
N LEU B 289 -10.99 -11.33 -12.38
CA LEU B 289 -11.86 -11.60 -11.24
C LEU B 289 -11.47 -12.86 -10.50
N THR B 290 -10.44 -13.57 -10.97
CA THR B 290 -10.03 -14.86 -10.41
C THR B 290 -8.53 -15.00 -10.32
N ASN B 291 -8.06 -16.07 -9.70
CA ASN B 291 -6.62 -16.28 -9.58
C ASN B 291 -5.92 -16.61 -10.89
N LYS B 292 -6.67 -16.86 -11.97
CA LYS B 292 -6.07 -17.09 -13.27
C LYS B 292 -5.42 -15.85 -13.85
N LYS B 293 -5.76 -14.66 -13.35
CA LYS B 293 -5.17 -13.42 -13.83
C LYS B 293 -5.28 -13.20 -15.34
N VAL B 294 -6.51 -13.40 -15.85
CA VAL B 294 -6.85 -13.19 -17.25
C VAL B 294 -8.07 -12.29 -17.28
N GLY B 295 -8.43 -11.82 -18.45
CA GLY B 295 -9.60 -10.99 -18.62
C GLY B 295 -10.90 -11.75 -18.57
N ASP B 296 -11.68 -11.46 -17.53
CA ASP B 296 -13.06 -11.93 -17.38
C ASP B 296 -14.00 -10.82 -17.86
N ILE B 297 -15.24 -11.15 -18.17
CA ILE B 297 -16.20 -10.17 -18.67
C ILE B 297 -17.18 -9.76 -17.57
N ILE B 298 -17.38 -8.44 -17.42
CA ILE B 298 -18.32 -7.88 -16.46
C ILE B 298 -19.23 -6.93 -17.23
N GLY B 299 -20.53 -7.12 -17.11
CA GLY B 299 -21.48 -6.23 -17.69
C GLY B 299 -22.47 -5.73 -16.63
N PHE B 300 -22.58 -4.41 -16.54
CA PHE B 300 -23.56 -3.77 -15.67
C PHE B 300 -24.81 -3.59 -16.54
N GLY B 301 -25.78 -4.48 -16.40
CA GLY B 301 -26.96 -4.52 -17.29
C GLY B 301 -28.16 -3.89 -16.62
N ASP B 302 -29.34 -4.42 -16.93
CA ASP B 302 -30.55 -3.89 -16.36
C ASP B 302 -30.80 -4.37 -14.95
N ALA B 303 -30.89 -5.67 -14.74
CA ALA B 303 -31.25 -6.26 -13.43
C ALA B 303 -30.09 -6.36 -12.45
N GLY B 304 -28.89 -6.09 -12.93
CA GLY B 304 -27.75 -6.18 -12.06
C GLY B 304 -26.47 -6.33 -12.85
N VAL B 305 -25.48 -6.92 -12.17
CA VAL B 305 -24.18 -7.13 -12.76
C VAL B 305 -24.06 -8.59 -13.19
N TYR B 306 -23.64 -8.80 -14.44
CA TYR B 306 -23.44 -10.09 -15.08
C TYR B 306 -21.95 -10.35 -15.33
N VAL B 307 -21.51 -11.56 -15.04
CA VAL B 307 -20.12 -11.92 -15.21
C VAL B 307 -20.03 -13.22 -16.00
N ALA B 308 -19.05 -13.28 -16.92
CA ALA B 308 -18.65 -14.55 -17.54
C ALA B 308 -17.19 -14.72 -17.29
N LEU B 309 -16.81 -15.87 -16.75
CA LEU B 309 -15.46 -16.08 -16.31
C LEU B 309 -14.70 -16.76 -17.42
N ASN B 310 -13.55 -16.18 -17.76
CA ASN B 310 -12.57 -16.76 -18.65
C ASN B 310 -11.99 -18.06 -18.09
N ASN B 311 -11.97 -19.09 -18.93
CA ASN B 311 -11.47 -20.42 -18.45
C ASN B 311 -9.96 -20.46 -18.29
N GLY B 312 -9.29 -19.41 -18.80
CA GLY B 312 -7.86 -19.24 -18.71
C GLY B 312 -7.18 -19.27 -20.06
N ASN B 313 -7.95 -19.55 -21.10
CA ASN B 313 -7.47 -19.70 -22.49
C ASN B 313 -8.23 -18.82 -23.45
N GLY B 314 -9.02 -17.88 -22.94
CA GLY B 314 -9.78 -17.00 -23.77
C GLY B 314 -11.17 -17.49 -24.20
N THR B 315 -11.58 -18.67 -23.70
CA THR B 315 -12.96 -19.11 -23.79
C THR B 315 -13.66 -18.76 -22.48
N PHE B 316 -14.99 -18.69 -22.53
CA PHE B 316 -15.76 -18.20 -21.40
C PHE B 316 -16.81 -19.20 -20.91
N GLY B 317 -17.09 -19.13 -19.62
CA GLY B 317 -18.13 -19.92 -18.98
C GLY B 317 -19.48 -19.24 -19.07
N PRO B 318 -20.47 -19.76 -18.34
CA PRO B 318 -21.80 -19.22 -18.42
C PRO B 318 -21.89 -17.82 -17.82
N VAL B 319 -22.85 -17.06 -18.32
CA VAL B 319 -23.09 -15.72 -17.84
C VAL B 319 -23.97 -15.85 -16.62
N LYS B 320 -23.49 -15.32 -15.51
CA LYS B 320 -24.24 -15.35 -14.25
C LYS B 320 -24.50 -13.92 -13.75
N ARG B 321 -25.70 -13.69 -13.20
CA ARG B 321 -25.96 -12.45 -12.51
C ARG B 321 -25.39 -12.56 -11.10
N VAL B 322 -24.39 -11.76 -10.79
CA VAL B 322 -23.63 -11.94 -9.53
C VAL B 322 -24.11 -11.01 -8.43
N ILE B 323 -24.75 -9.91 -8.79
CA ILE B 323 -25.31 -8.97 -7.82
C ILE B 323 -26.56 -8.40 -8.42
N ASP B 324 -27.63 -8.31 -7.62
CA ASP B 324 -28.84 -7.63 -8.05
C ASP B 324 -28.77 -6.13 -7.74
N ASN B 325 -27.73 -5.48 -8.22
CA ASN B 325 -27.56 -4.07 -8.00
C ASN B 325 -26.56 -3.52 -9.00
N PHE B 326 -26.32 -2.20 -8.93
CA PHE B 326 -25.52 -1.49 -9.91
C PHE B 326 -26.05 -1.55 -11.31
N GLY B 327 -27.32 -1.92 -11.45
CA GLY B 327 -27.94 -2.02 -12.75
C GLY B 327 -28.86 -0.87 -13.07
N TYR B 328 -29.21 -0.77 -14.34
CA TYR B 328 -30.13 0.28 -14.78
C TYR B 328 -31.47 0.23 -14.02
N ASN B 329 -31.96 -0.96 -13.71
CA ASN B 329 -33.22 -1.11 -12.97
C ASN B 329 -33.21 -0.58 -11.53
N GLN B 330 -32.02 -0.42 -10.97
CA GLN B 330 -31.87 0.10 -9.64
C GLN B 330 -31.55 1.59 -9.69
N GLY B 331 -31.59 2.20 -10.86
CA GLY B 331 -31.44 3.65 -10.99
C GLY B 331 -30.09 4.14 -11.46
N TRP B 332 -29.18 3.20 -11.71
CA TRP B 332 -27.82 3.59 -12.13
C TRP B 332 -27.84 4.01 -13.58
N ARG B 333 -27.19 5.15 -13.85
CA ARG B 333 -27.17 5.74 -15.14
C ARG B 333 -25.75 6.09 -15.60
N VAL B 334 -25.46 5.75 -16.86
CA VAL B 334 -24.15 6.01 -17.43
C VAL B 334 -23.78 7.49 -17.35
N ASP B 335 -24.77 8.37 -17.53
CA ASP B 335 -24.48 9.81 -17.56
C ASP B 335 -24.39 10.46 -16.19
N LYS B 336 -24.56 9.68 -15.13
CA LYS B 336 -24.55 10.23 -13.76
C LYS B 336 -23.67 9.47 -12.75
N HIS B 337 -23.50 8.16 -12.93
CA HIS B 337 -22.99 7.29 -11.86
C HIS B 337 -21.84 6.40 -12.36
N PRO B 338 -20.60 6.90 -12.33
CA PRO B 338 -19.46 6.08 -12.70
C PRO B 338 -19.35 4.75 -11.96
N ARG B 339 -19.00 3.69 -12.70
CA ARG B 339 -18.86 2.32 -12.17
C ARG B 339 -17.58 1.75 -12.72
N PHE B 340 -16.80 1.15 -11.85
CA PHE B 340 -15.46 0.61 -12.15
C PHE B 340 -15.32 -0.78 -11.57
N VAL B 341 -14.48 -1.56 -12.23
CA VAL B 341 -14.12 -2.90 -11.78
C VAL B 341 -12.62 -2.85 -11.52
N VAL B 342 -12.24 -2.99 -10.25
CA VAL B 342 -10.88 -2.68 -9.81
C VAL B 342 -10.65 -3.43 -8.49
N ASP B 343 -9.45 -3.91 -8.24
CA ASP B 343 -9.14 -4.55 -6.96
C ASP B 343 -9.04 -3.47 -5.87
N LEU B 344 -9.91 -3.64 -4.89
CA LEU B 344 -10.01 -2.79 -3.71
C LEU B 344 -9.53 -3.50 -2.45
N THR B 345 -9.18 -4.78 -2.53
CA THR B 345 -8.90 -5.62 -1.36
C THR B 345 -7.57 -6.32 -1.32
N GLY B 346 -6.84 -6.31 -2.43
CA GLY B 346 -5.46 -6.74 -2.48
C GLY B 346 -5.31 -8.23 -2.76
N ASP B 347 -6.41 -8.90 -3.06
CA ASP B 347 -6.34 -10.37 -3.35
C ASP B 347 -6.10 -10.76 -4.81
N GLY B 348 -6.07 -9.78 -5.70
CA GLY B 348 -5.91 -10.05 -7.12
C GLY B 348 -7.19 -10.27 -7.88
N CYS B 349 -8.33 -10.20 -7.23
CA CYS B 349 -9.64 -10.45 -7.84
C CYS B 349 -10.42 -9.15 -7.78
N ALA B 350 -10.74 -8.60 -8.93
CA ALA B 350 -11.30 -7.24 -8.99
C ALA B 350 -12.69 -7.18 -8.38
N ASP B 351 -12.95 -6.05 -7.73
CA ASP B 351 -14.14 -5.76 -7.03
C ASP B 351 -14.92 -4.72 -7.85
N ILE B 352 -16.11 -4.36 -7.37
CA ILE B 352 -16.98 -3.35 -8.03
C ILE B 352 -17.11 -2.13 -7.15
N VAL B 353 -17.03 -0.95 -7.74
CA VAL B 353 -17.29 0.29 -7.00
C VAL B 353 -18.11 1.16 -7.93
N GLY B 354 -19.08 1.85 -7.35
CA GLY B 354 -19.95 2.75 -8.08
C GLY B 354 -20.22 4.01 -7.30
N PHE B 355 -20.20 5.13 -8.01
CA PHE B 355 -20.52 6.41 -7.41
C PHE B 355 -22.00 6.73 -7.69
N GLY B 356 -22.85 6.44 -6.71
CA GLY B 356 -24.30 6.54 -6.89
C GLY B 356 -24.80 7.98 -6.77
N GLU B 357 -26.13 8.09 -6.68
CA GLU B 357 -26.76 9.40 -6.52
C GLU B 357 -26.41 10.02 -5.18
N ASN B 358 -26.40 9.21 -4.14
CA ASN B 358 -26.14 9.67 -2.76
C ASN B 358 -24.94 9.07 -2.04
N SER B 359 -24.52 7.89 -2.42
CA SER B 359 -23.39 7.21 -1.75
C SER B 359 -22.49 6.57 -2.78
N VAL B 360 -21.24 6.38 -2.38
CA VAL B 360 -20.34 5.44 -3.04
C VAL B 360 -20.60 4.05 -2.49
N TRP B 361 -20.82 3.09 -3.38
CA TRP B 361 -21.11 1.72 -3.03
C TRP B 361 -20.04 0.81 -3.60
N ALA B 362 -19.77 -0.29 -2.88
CA ALA B 362 -18.84 -1.34 -3.35
C ALA B 362 -19.42 -2.71 -3.17
N CYS B 363 -18.92 -3.66 -3.93
CA CYS B 363 -19.29 -5.03 -3.78
C CYS B 363 -18.01 -5.81 -4.05
N MET B 364 -17.62 -6.61 -3.08
CA MET B 364 -16.35 -7.28 -3.08
C MET B 364 -16.44 -8.69 -3.61
N ASN B 365 -15.46 -9.01 -4.43
CA ASN B 365 -15.27 -10.37 -4.96
C ASN B 365 -14.89 -11.28 -3.79
N LYS B 366 -15.45 -12.48 -3.79
CA LYS B 366 -15.14 -13.48 -2.76
C LYS B 366 -13.81 -14.18 -3.04
N GLY B 367 -13.24 -13.95 -4.22
CA GLY B 367 -11.94 -14.49 -4.58
C GLY B 367 -12.07 -15.45 -5.75
N ASP B 368 -13.30 -15.73 -6.17
CA ASP B 368 -13.55 -16.72 -7.21
C ASP B 368 -14.48 -16.20 -8.31
N GLY B 369 -14.71 -14.90 -8.38
CA GLY B 369 -15.61 -14.34 -9.35
C GLY B 369 -17.08 -14.36 -9.00
N THR B 370 -17.37 -14.71 -7.73
CA THR B 370 -18.65 -14.48 -7.13
C THR B 370 -18.46 -13.33 -6.12
N PHE B 371 -19.58 -12.73 -5.68
CA PHE B 371 -19.51 -11.48 -4.95
C PHE B 371 -20.34 -11.51 -3.69
N GLY B 372 -19.88 -10.75 -2.71
CA GLY B 372 -20.61 -10.52 -1.46
C GLY B 372 -21.68 -9.46 -1.60
N PRO B 373 -22.25 -9.03 -0.45
CA PRO B 373 -23.33 -8.05 -0.46
C PRO B 373 -22.82 -6.66 -0.75
N ILE B 374 -23.71 -5.80 -1.17
CA ILE B 374 -23.33 -4.42 -1.44
C ILE B 374 -23.00 -3.69 -0.13
N MET B 375 -22.02 -2.79 -0.18
CA MET B 375 -21.50 -2.05 0.95
C MET B 375 -21.59 -0.56 0.68
N LYS B 376 -22.15 0.18 1.61
CA LYS B 376 -22.21 1.65 1.51
C LYS B 376 -20.93 2.22 2.08
N LEU B 377 -20.10 2.85 1.25
CA LEU B 377 -18.78 3.33 1.69
C LEU B 377 -18.80 4.69 2.36
N ILE B 378 -19.39 5.66 1.66
CA ILE B 378 -19.37 7.06 2.08
C ILE B 378 -20.39 7.86 1.27
N ASP B 379 -20.97 8.89 1.88
CA ASP B 379 -21.92 9.76 1.18
C ASP B 379 -21.24 11.03 0.64
N ASP B 380 -20.34 10.84 -0.33
CA ASP B 380 -19.64 11.98 -0.96
C ASP B 380 -19.13 11.56 -2.33
N MET B 381 -18.69 12.51 -3.14
CA MET B 381 -18.24 12.26 -4.51
C MET B 381 -19.37 11.74 -5.40
N THR B 382 -20.59 12.22 -5.14
CA THR B 382 -21.81 11.77 -5.76
C THR B 382 -22.64 12.93 -6.29
N VAL B 383 -23.67 12.61 -7.07
CA VAL B 383 -24.56 13.64 -7.63
C VAL B 383 -25.11 14.53 -6.53
N SER B 384 -25.59 13.93 -5.45
CA SER B 384 -26.18 14.67 -4.33
C SER B 384 -25.23 15.63 -3.63
N LYS B 385 -23.92 15.41 -3.73
CA LYS B 385 -22.92 16.27 -3.14
C LYS B 385 -22.26 17.21 -4.16
N GLY B 386 -22.86 17.30 -5.33
CA GLY B 386 -22.47 18.26 -6.36
C GLY B 386 -21.40 17.79 -7.35
N TRP B 387 -21.35 16.47 -7.59
CA TRP B 387 -20.44 15.87 -8.58
C TRP B 387 -21.20 15.42 -9.84
N THR B 388 -20.97 16.06 -10.97
CA THR B 388 -21.59 15.68 -12.25
C THR B 388 -20.52 15.19 -13.21
N LEU B 389 -20.88 14.30 -14.13
CA LEU B 389 -19.90 13.76 -15.07
C LEU B 389 -19.27 14.84 -15.85
N GLN B 390 -20.08 15.85 -16.16
CA GLN B 390 -19.66 16.86 -17.10
C GLN B 390 -18.69 17.87 -16.48
N LYS B 391 -18.74 18.00 -15.16
CA LYS B 391 -17.93 19.03 -14.47
C LYS B 391 -16.89 18.45 -13.50
N THR B 392 -16.81 17.13 -13.38
CA THR B 392 -15.87 16.48 -12.49
C THR B 392 -15.30 15.26 -13.15
N VAL B 393 -14.15 14.80 -12.63
CA VAL B 393 -13.54 13.56 -13.08
C VAL B 393 -13.29 12.67 -11.88
N ARG B 394 -13.66 11.41 -11.97
CA ARG B 394 -13.46 10.48 -10.86
C ARG B 394 -12.80 9.22 -11.37
N TYR B 395 -11.81 8.74 -10.64
CA TYR B 395 -11.02 7.54 -11.00
C TYR B 395 -10.86 6.67 -9.78
N ALA B 396 -10.70 5.37 -10.01
CA ALA B 396 -9.94 4.54 -9.12
C ALA B 396 -8.48 4.63 -9.53
N ALA B 397 -7.59 4.68 -8.56
CA ALA B 397 -6.20 4.85 -8.83
C ALA B 397 -5.38 4.33 -7.67
N ASN B 398 -4.24 3.73 -7.93
CA ASN B 398 -3.35 3.29 -6.84
C ASN B 398 -2.37 4.44 -6.48
N LEU B 399 -2.70 5.20 -5.45
CA LEU B 399 -1.85 6.33 -5.08
C LEU B 399 -0.50 5.89 -4.52
N TYR B 400 -0.43 4.72 -3.86
CA TYR B 400 0.85 4.24 -3.26
C TYR B 400 1.18 2.76 -3.60
N LEU B 401 2.31 2.50 -4.26
CA LEU B 401 2.72 1.13 -4.61
C LEU B 401 4.13 0.73 -4.13
#